data_5DOV
#
_entry.id   5DOV
#
_cell.length_a   50.905
_cell.length_b   57.166
_cell.length_c   66.132
_cell.angle_alpha   95.27
_cell.angle_beta   106.75
_cell.angle_gamma   105.12
#
_symmetry.space_group_name_H-M   'P 1'
#
loop_
_entity.id
_entity.type
_entity.pdbx_description
1 polymer JamJ
2 non-polymer GLYCEROL
3 water water
#
_entity_poly.entity_id   1
_entity_poly.type   'polypeptide(L)'
_entity_poly.pdbx_seq_one_letter_code
;MHHHHHHSSGVDLGTENLYFQSNATTSQPVQLKIASYGLLKNLTWVSLENQVPGVGEVKVQIQAVPVNFRDILNALGMLQ
EHNQTKLGITSVDHLTFGFEAVGVIVGVGLGVSQWQIGDEVMVIGCHDAFSSFIICSPNNLVAKPANLKLIEAATIPIPF
FTAYHGLYNLAKIQSGERVLIHAASGGTGQAAIQLAQFWGAEVFATTSPQKMAVLREQGIKHVMNSRTTEFANEIRELTQ
GKGVDVIFNSLTHGEYIQKNLDVLALEGRYIEISKRKIWSHSQVAQKRSDIKYFPFDLLEEFNRDNQLYYQIWKKLIQCF
ENKELHPLVYKTFPNEDIVEAFRYLQRSKHIGRVVVTMP
;
_entity_poly.pdbx_strand_id   A,B
#
loop_
_chem_comp.id
_chem_comp.type
_chem_comp.name
_chem_comp.formula
GOL non-polymer GLYCEROL 'C3 H8 O3'
#
# COMPACT_ATOMS: atom_id res chain seq x y z
N SER A 27 -19.46 -7.66 -36.13
CA SER A 27 -18.81 -7.00 -37.29
C SER A 27 -17.29 -7.25 -37.31
N GLN A 28 -16.53 -6.24 -37.72
CA GLN A 28 -15.08 -6.28 -37.77
C GLN A 28 -14.49 -5.84 -36.42
N PRO A 29 -13.19 -6.12 -36.18
CA PRO A 29 -12.52 -5.54 -34.98
C PRO A 29 -12.54 -4.01 -35.00
N VAL A 30 -12.96 -3.43 -33.89
CA VAL A 30 -13.21 -2.01 -33.81
C VAL A 30 -12.71 -1.43 -32.49
N GLN A 31 -12.63 -0.10 -32.43
CA GLN A 31 -12.24 0.58 -31.22
C GLN A 31 -13.05 1.87 -31.16
N LEU A 32 -13.52 2.18 -29.97
CA LEU A 32 -14.32 3.35 -29.74
C LEU A 32 -13.46 4.57 -29.69
N LYS A 33 -13.87 5.56 -30.47
CA LYS A 33 -13.19 6.84 -30.58
C LYS A 33 -14.21 7.95 -30.53
N ILE A 34 -13.76 9.18 -30.31
CA ILE A 34 -14.70 10.27 -30.42
C ILE A 34 -14.15 11.20 -31.49
N ALA A 35 -15.00 11.54 -32.43
CA ALA A 35 -14.55 12.17 -33.66
C ALA A 35 -14.00 13.56 -33.35
N SER A 36 -14.66 14.26 -32.42
CA SER A 36 -14.16 15.51 -31.83
C SER A 36 -14.84 15.67 -30.45
N TYR A 37 -14.22 16.44 -29.57
CA TYR A 37 -14.72 16.61 -28.19
C TYR A 37 -16.07 17.31 -28.12
N GLY A 38 -16.85 17.02 -27.07
CA GLY A 38 -18.01 17.83 -26.74
C GLY A 38 -19.40 17.28 -26.92
N LEU A 39 -19.58 16.31 -27.83
CA LEU A 39 -20.89 15.72 -28.08
CA LEU A 39 -20.89 15.71 -28.09
C LEU A 39 -20.81 14.20 -28.08
N LEU A 40 -21.69 13.56 -27.32
CA LEU A 40 -21.70 12.10 -27.27
C LEU A 40 -22.06 11.45 -28.61
N LYS A 41 -22.84 12.15 -29.45
CA LYS A 41 -23.17 11.57 -30.75
C LYS A 41 -21.94 11.42 -31.64
N ASN A 42 -20.83 12.07 -31.27
CA ASN A 42 -19.58 12.00 -32.04
C ASN A 42 -18.81 10.68 -31.78
N LEU A 43 -19.28 9.87 -30.82
CA LEU A 43 -18.65 8.55 -30.55
C LEU A 43 -18.81 7.61 -31.75
N THR A 44 -17.71 7.00 -32.17
CA THR A 44 -17.65 6.24 -33.40
C THR A 44 -16.85 4.97 -33.17
N TRP A 45 -17.30 3.88 -33.78
CA TRP A 45 -16.50 2.66 -33.81
C TRP A 45 -15.60 2.73 -35.04
N VAL A 46 -14.29 2.72 -34.83
CA VAL A 46 -13.38 2.75 -35.99
C VAL A 46 -12.65 1.42 -36.14
N SER A 47 -12.11 1.17 -37.33
CA SER A 47 -11.43 -0.07 -37.60
C SER A 47 -10.22 -0.20 -36.69
N LEU A 48 -10.05 -1.37 -36.09
CA LEU A 48 -8.94 -1.65 -35.19
C LEU A 48 -8.00 -2.61 -35.89
N GLU A 49 -6.77 -2.15 -36.10
CA GLU A 49 -5.74 -2.94 -36.74
C GLU A 49 -5.29 -4.02 -35.78
N ASN A 50 -4.87 -5.14 -36.34
CA ASN A 50 -4.46 -6.29 -35.53
C ASN A 50 -3.14 -5.98 -34.83
N GLN A 51 -3.00 -6.43 -33.58
CA GLN A 51 -1.76 -6.21 -32.82
C GLN A 51 -1.32 -7.52 -32.21
N VAL A 52 -0.01 -7.74 -32.11
CA VAL A 52 0.55 -8.95 -31.49
C VAL A 52 1.15 -8.55 -30.14
N PRO A 53 0.94 -9.35 -29.09
CA PRO A 53 1.57 -9.01 -27.81
C PRO A 53 3.07 -9.25 -27.80
N GLY A 54 3.82 -8.25 -27.33
CA GLY A 54 5.27 -8.33 -27.16
C GLY A 54 5.64 -8.97 -25.84
N VAL A 55 6.92 -8.85 -25.49
CA VAL A 55 7.44 -9.39 -24.25
C VAL A 55 6.65 -8.81 -23.08
N GLY A 56 6.31 -9.64 -22.10
CA GLY A 56 5.50 -9.23 -20.94
C GLY A 56 4.09 -8.72 -21.23
N GLU A 57 3.52 -9.11 -22.37
CA GLU A 57 2.17 -8.66 -22.73
C GLU A 57 1.24 -9.85 -23.06
N VAL A 58 -0.06 -9.60 -22.93
CA VAL A 58 -1.11 -10.57 -23.23
C VAL A 58 -2.08 -9.82 -24.14
N LYS A 59 -2.73 -10.53 -25.05
CA LYS A 59 -3.85 -10.02 -25.81
C LYS A 59 -5.14 -10.60 -25.25
N VAL A 60 -6.11 -9.71 -25.03
CA VAL A 60 -7.39 -10.08 -24.46
C VAL A 60 -8.51 -9.69 -25.40
N GLN A 61 -9.38 -10.66 -25.72
CA GLN A 61 -10.55 -10.37 -26.53
C GLN A 61 -11.63 -9.91 -25.58
N ILE A 62 -12.15 -8.70 -25.82
CA ILE A 62 -13.07 -8.10 -24.87
C ILE A 62 -14.50 -8.58 -25.12
N GLN A 63 -15.20 -8.95 -24.06
CA GLN A 63 -16.59 -9.41 -24.17
C GLN A 63 -17.61 -8.46 -23.55
N ALA A 64 -17.22 -7.76 -22.48
CA ALA A 64 -18.11 -6.79 -21.87
C ALA A 64 -17.30 -5.69 -21.18
N VAL A 65 -17.82 -4.47 -21.24
CA VAL A 65 -17.12 -3.28 -20.71
C VAL A 65 -18.11 -2.33 -20.04
N PRO A 66 -17.87 -1.96 -18.77
CA PRO A 66 -18.71 -0.92 -18.20
C PRO A 66 -18.28 0.48 -18.63
N VAL A 67 -19.26 1.36 -18.79
CA VAL A 67 -18.98 2.79 -18.98
C VAL A 67 -18.61 3.35 -17.62
N ASN A 68 -17.63 4.26 -17.58
CA ASN A 68 -17.33 4.97 -16.35
C ASN A 68 -17.57 6.46 -16.55
N PHE A 69 -17.76 7.18 -15.45
CA PHE A 69 -17.99 8.61 -15.56
C PHE A 69 -16.76 9.30 -16.16
N ARG A 70 -15.57 8.78 -15.89
CA ARG A 70 -14.37 9.30 -16.52
C ARG A 70 -14.43 9.22 -18.05
N ASP A 71 -15.06 8.17 -18.60
CA ASP A 71 -15.26 8.04 -20.05
C ASP A 71 -16.12 9.20 -20.57
N ILE A 72 -17.14 9.57 -19.81
CA ILE A 72 -18.07 10.63 -20.25
C ILE A 72 -17.32 11.98 -20.21
N LEU A 73 -16.60 12.24 -19.12
CA LEU A 73 -15.82 13.49 -18.99
C LEU A 73 -14.81 13.61 -20.13
N ASN A 74 -14.18 12.48 -20.48
CA ASN A 74 -13.22 12.46 -21.59
C ASN A 74 -13.86 12.74 -22.95
N ALA A 75 -15.01 12.13 -23.21
CA ALA A 75 -15.77 12.40 -24.41
C ALA A 75 -16.16 13.88 -24.50
N LEU A 76 -16.44 14.49 -23.35
CA LEU A 76 -16.86 15.90 -23.29
C LEU A 76 -15.68 16.87 -23.37
N GLY A 77 -14.46 16.35 -23.28
CA GLY A 77 -13.27 17.17 -23.36
C GLY A 77 -12.94 17.84 -22.04
N MET A 78 -13.50 17.33 -20.95
CA MET A 78 -13.34 17.96 -19.64
C MET A 78 -12.11 17.52 -18.85
N LEU A 79 -11.26 16.72 -19.47
CA LEU A 79 -10.04 16.27 -18.80
C LEU A 79 -8.81 16.45 -19.69
N GLN A 80 -8.91 17.40 -20.62
CA GLN A 80 -7.85 17.65 -21.62
C GLN A 80 -6.50 18.02 -21.03
N GLU A 81 -6.53 18.81 -19.95
CA GLU A 81 -5.30 19.22 -19.26
C GLU A 81 -4.66 18.03 -18.54
N HIS A 82 -5.48 17.30 -17.80
CA HIS A 82 -5.07 16.10 -17.08
C HIS A 82 -4.44 15.09 -18.04
N ASN A 83 -5.15 14.80 -19.13
CA ASN A 83 -4.72 13.75 -20.07
C ASN A 83 -3.48 14.10 -20.86
N GLN A 84 -3.30 15.39 -21.17
CA GLN A 84 -2.10 15.85 -21.87
C GLN A 84 -0.85 15.59 -21.03
N THR A 85 -0.87 16.08 -19.79
CA THR A 85 0.31 16.06 -18.92
C THR A 85 0.70 14.65 -18.45
N LYS A 86 -0.27 13.92 -17.91
CA LYS A 86 0.01 12.62 -17.28
C LYS A 86 -0.06 11.45 -18.24
N LEU A 87 -0.95 11.53 -19.21
CA LEU A 87 -1.04 10.47 -20.22
C LEU A 87 -0.53 11.03 -21.54
N GLY A 88 -0.44 10.19 -22.58
CA GLY A 88 0.08 10.66 -23.87
C GLY A 88 -0.80 11.61 -24.68
N ILE A 89 -2.00 11.89 -24.18
CA ILE A 89 -3.13 12.42 -24.98
C ILE A 89 -3.03 13.92 -25.36
N THR A 90 -2.46 14.21 -26.53
CA THR A 90 -2.36 15.59 -27.01
C THR A 90 -3.57 15.96 -27.87
N SER A 91 -4.12 14.99 -28.57
CA SER A 91 -5.26 15.21 -29.43
C SER A 91 -6.34 14.17 -29.20
N VAL A 92 -7.55 14.53 -29.61
CA VAL A 92 -8.71 13.65 -29.57
C VAL A 92 -8.42 12.33 -30.29
N ASP A 93 -7.51 12.33 -31.28
CA ASP A 93 -7.24 11.12 -32.06
C ASP A 93 -6.41 10.06 -31.33
N HIS A 94 -5.81 10.44 -30.20
CA HIS A 94 -5.07 9.49 -29.38
C HIS A 94 -5.82 9.11 -28.09
N LEU A 95 -7.06 9.58 -27.96
CA LEU A 95 -7.88 9.26 -26.81
C LEU A 95 -8.66 7.96 -27.05
N THR A 96 -8.63 7.07 -26.06
CA THR A 96 -9.46 5.86 -26.13
C THR A 96 -10.32 5.80 -24.87
N PHE A 97 -11.19 4.78 -24.80
CA PHE A 97 -12.17 4.69 -23.75
C PHE A 97 -12.20 3.31 -23.10
N GLY A 98 -12.53 3.30 -21.82
CA GLY A 98 -12.80 2.04 -21.10
C GLY A 98 -11.67 1.67 -20.15
N PHE A 99 -12.01 1.55 -18.88
CA PHE A 99 -10.99 1.35 -17.85
C PHE A 99 -10.96 -0.04 -17.20
N GLU A 100 -11.85 -0.91 -17.64
CA GLU A 100 -12.00 -2.23 -17.02
C GLU A 100 -12.83 -3.04 -18.00
N ALA A 101 -12.75 -4.37 -17.89
CA ALA A 101 -13.52 -5.20 -18.81
C ALA A 101 -13.51 -6.63 -18.34
N VAL A 102 -14.26 -7.46 -19.05
CA VAL A 102 -14.13 -8.90 -18.90
CA VAL A 102 -14.11 -8.90 -18.90
C VAL A 102 -13.88 -9.50 -20.29
N GLY A 103 -13.09 -10.56 -20.38
CA GLY A 103 -12.89 -11.23 -21.67
C GLY A 103 -12.06 -12.49 -21.57
N VAL A 104 -11.41 -12.85 -22.66
CA VAL A 104 -10.71 -14.13 -22.75
C VAL A 104 -9.32 -13.87 -23.31
N ILE A 105 -8.33 -14.52 -22.72
CA ILE A 105 -6.97 -14.38 -23.24
C ILE A 105 -6.90 -15.05 -24.60
N VAL A 106 -6.38 -14.33 -25.58
CA VAL A 106 -6.27 -14.92 -26.92
C VAL A 106 -4.84 -14.90 -27.49
N GLY A 107 -3.91 -14.28 -26.77
CA GLY A 107 -2.49 -14.30 -27.18
C GLY A 107 -1.61 -14.10 -25.94
N VAL A 108 -0.47 -14.77 -25.91
CA VAL A 108 0.42 -14.65 -24.75
C VAL A 108 1.81 -14.32 -25.29
N GLY A 109 2.36 -13.18 -24.87
CA GLY A 109 3.70 -12.75 -25.32
C GLY A 109 4.84 -13.49 -24.65
N LEU A 110 6.06 -13.21 -25.07
CA LEU A 110 7.20 -13.91 -24.52
C LEU A 110 7.38 -13.53 -23.05
N GLY A 111 7.81 -14.50 -22.25
CA GLY A 111 8.08 -14.28 -20.83
C GLY A 111 6.89 -14.26 -19.91
N VAL A 112 5.68 -14.45 -20.45
CA VAL A 112 4.50 -14.48 -19.60
C VAL A 112 4.23 -15.91 -19.17
N SER A 113 4.14 -16.15 -17.86
CA SER A 113 3.79 -17.50 -17.37
C SER A 113 2.41 -17.48 -16.66
N GLN A 114 1.87 -18.65 -16.36
CA GLN A 114 0.62 -18.78 -15.60
C GLN A 114 -0.63 -18.05 -16.16
N TRP A 115 -0.58 -17.61 -17.41
CA TRP A 115 -1.81 -17.31 -18.19
C TRP A 115 -1.75 -18.10 -19.48
N GLN A 116 -2.90 -18.62 -19.88
CA GLN A 116 -2.98 -19.44 -21.07
C GLN A 116 -4.07 -18.94 -21.97
N ILE A 117 -3.93 -19.18 -23.26
CA ILE A 117 -5.03 -18.90 -24.20
C ILE A 117 -6.31 -19.63 -23.78
N GLY A 118 -7.43 -18.92 -23.83
CA GLY A 118 -8.72 -19.48 -23.39
C GLY A 118 -9.10 -19.02 -21.97
N ASP A 119 -8.12 -18.61 -21.16
CA ASP A 119 -8.40 -18.15 -19.77
C ASP A 119 -9.40 -16.99 -19.70
N GLU A 120 -10.40 -17.08 -18.83
CA GLU A 120 -11.29 -15.92 -18.63
C GLU A 120 -10.69 -14.98 -17.60
N VAL A 121 -10.75 -13.70 -17.89
CA VAL A 121 -10.05 -12.72 -17.05
C VAL A 121 -10.91 -11.49 -16.83
N MET A 122 -10.70 -10.81 -15.71
CA MET A 122 -11.18 -9.43 -15.59
C MET A 122 -9.95 -8.57 -15.87
N VAL A 123 -10.17 -7.44 -16.52
CA VAL A 123 -9.09 -6.52 -16.89
C VAL A 123 -9.37 -5.28 -16.06
N ILE A 124 -8.35 -4.78 -15.38
CA ILE A 124 -8.52 -3.59 -14.58
C ILE A 124 -7.40 -2.60 -14.92
N GLY A 125 -7.78 -1.36 -15.21
CA GLY A 125 -6.82 -0.26 -15.23
C GLY A 125 -6.23 0.02 -16.57
N CYS A 126 -6.83 -0.53 -17.63
CA CYS A 126 -6.47 -0.16 -18.99
C CYS A 126 -7.12 1.17 -19.32
N HIS A 127 -6.88 1.67 -20.52
CA HIS A 127 -7.53 2.92 -20.94
C HIS A 127 -8.23 2.76 -22.30
N ASP A 128 -8.21 1.54 -22.84
CA ASP A 128 -8.84 1.23 -24.15
C ASP A 128 -9.74 0.01 -24.09
N ALA A 129 -10.44 -0.21 -22.97
CA ALA A 129 -11.26 -1.42 -22.89
C ALA A 129 -12.33 -1.47 -23.99
N PHE A 130 -12.81 -0.32 -24.46
CA PHE A 130 -13.82 -0.31 -25.53
C PHE A 130 -13.13 -0.56 -26.89
N SER A 131 -12.71 -1.81 -27.07
CA SER A 131 -11.95 -2.24 -28.25
C SER A 131 -12.30 -3.71 -28.37
N SER A 132 -12.32 -4.26 -29.57
CA SER A 132 -12.55 -5.71 -29.72
C SER A 132 -11.49 -6.56 -29.03
N PHE A 133 -10.23 -6.10 -29.02
CA PHE A 133 -9.06 -6.77 -28.39
C PHE A 133 -8.19 -5.69 -27.75
N ILE A 134 -7.53 -6.00 -26.63
CA ILE A 134 -6.54 -5.09 -26.08
C ILE A 134 -5.24 -5.86 -25.85
N ILE A 135 -4.14 -5.11 -25.77
CA ILE A 135 -2.86 -5.64 -25.37
C ILE A 135 -2.57 -5.05 -23.98
N CYS A 136 -2.22 -5.87 -23.01
CA CYS A 136 -1.91 -5.34 -21.67
C CYS A 136 -0.94 -6.21 -20.89
N SER A 137 -0.53 -5.73 -19.72
CA SER A 137 0.34 -6.48 -18.82
CA SER A 137 0.34 -6.50 -18.83
C SER A 137 -0.49 -7.52 -18.08
N PRO A 138 0.11 -8.68 -17.75
CA PRO A 138 -0.62 -9.61 -16.89
C PRO A 138 -0.92 -8.97 -15.54
N ASN A 139 -0.18 -7.92 -15.14
CA ASN A 139 -0.46 -7.25 -13.86
C ASN A 139 -1.80 -6.51 -13.86
N ASN A 140 -2.36 -6.32 -15.05
CA ASN A 140 -3.71 -5.76 -15.20
C ASN A 140 -4.82 -6.82 -15.28
N LEU A 141 -4.48 -8.08 -15.11
CA LEU A 141 -5.46 -9.17 -15.22
C LEU A 141 -5.67 -9.87 -13.90
N VAL A 142 -6.93 -10.18 -13.58
CA VAL A 142 -7.25 -11.05 -12.44
C VAL A 142 -8.33 -12.08 -12.84
N ALA A 143 -8.33 -13.22 -12.13
CA ALA A 143 -9.25 -14.33 -12.40
C ALA A 143 -10.66 -13.99 -11.96
N LYS A 144 -11.66 -14.38 -12.76
CA LYS A 144 -13.08 -14.30 -12.34
C LYS A 144 -13.41 -15.17 -11.12
N PRO A 145 -14.23 -14.65 -10.17
CA PRO A 145 -14.72 -15.60 -9.16
C PRO A 145 -15.63 -16.61 -9.87
N ALA A 146 -15.34 -17.90 -9.71
CA ALA A 146 -15.98 -18.90 -10.58
C ALA A 146 -17.51 -19.03 -10.35
N ASN A 147 -17.99 -18.56 -9.18
CA ASN A 147 -19.43 -18.53 -8.84
C ASN A 147 -20.25 -17.41 -9.50
N LEU A 148 -19.56 -16.51 -10.17
CA LEU A 148 -20.24 -15.39 -10.84
C LEU A 148 -20.30 -15.60 -12.33
N LYS A 149 -21.36 -15.10 -12.96
CA LYS A 149 -21.38 -14.96 -14.41
C LYS A 149 -20.39 -13.87 -14.85
N LEU A 150 -19.78 -14.08 -16.00
CA LEU A 150 -18.86 -13.09 -16.61
C LEU A 150 -19.43 -11.67 -16.60
N ILE A 151 -20.68 -11.52 -17.03
CA ILE A 151 -21.31 -10.20 -17.09
C ILE A 151 -21.45 -9.50 -15.74
N GLU A 152 -21.81 -10.27 -14.70
CA GLU A 152 -21.88 -9.80 -13.32
C GLU A 152 -20.53 -9.31 -12.87
N ALA A 153 -19.50 -10.10 -13.21
CA ALA A 153 -18.15 -9.84 -12.79
C ALA A 153 -17.64 -8.53 -13.36
N ALA A 154 -18.18 -8.12 -14.52
CA ALA A 154 -17.79 -6.86 -15.16
C ALA A 154 -18.13 -5.63 -14.32
N THR A 155 -19.10 -5.74 -13.43
CA THR A 155 -19.45 -4.61 -12.54
C THR A 155 -18.42 -4.33 -11.43
N ILE A 156 -17.52 -5.30 -11.14
CA ILE A 156 -16.64 -5.27 -9.96
C ILE A 156 -15.38 -4.38 -9.99
N PRO A 157 -14.53 -4.48 -11.05
CA PRO A 157 -13.17 -3.94 -10.90
C PRO A 157 -12.98 -2.50 -10.44
N ILE A 158 -13.37 -1.51 -11.23
CA ILE A 158 -13.12 -0.12 -10.81
C ILE A 158 -13.79 0.23 -9.45
N PRO A 159 -15.10 -0.08 -9.28
CA PRO A 159 -15.73 0.30 -8.01
C PRO A 159 -15.08 -0.38 -6.78
N PHE A 160 -14.91 -1.71 -6.80
CA PHE A 160 -14.37 -2.40 -5.61
C PHE A 160 -12.86 -2.15 -5.39
N PHE A 161 -12.07 -2.05 -6.45
CA PHE A 161 -10.61 -1.83 -6.26
C PHE A 161 -10.41 -0.39 -5.75
N THR A 162 -11.19 0.54 -6.29
CA THR A 162 -11.11 1.92 -5.81
C THR A 162 -11.57 2.03 -4.37
N ALA A 163 -12.72 1.43 -4.05
CA ALA A 163 -13.25 1.52 -2.68
C ALA A 163 -12.35 0.82 -1.65
N TYR A 164 -11.85 -0.37 -1.99
CA TYR A 164 -10.92 -1.11 -1.13
C TYR A 164 -9.65 -0.30 -0.92
N HIS A 165 -9.06 0.17 -2.01
CA HIS A 165 -7.83 0.95 -1.87
C HIS A 165 -8.03 2.15 -0.97
N GLY A 166 -9.10 2.91 -1.19
CA GLY A 166 -9.34 4.12 -0.40
C GLY A 166 -9.70 3.82 1.04
N LEU A 167 -10.60 2.85 1.27
CA LEU A 167 -11.14 2.63 2.62
C LEU A 167 -10.18 1.82 3.46
N TYR A 168 -9.51 0.85 2.84
CA TYR A 168 -8.65 -0.04 3.62
C TYR A 168 -7.18 0.32 3.48
N ASN A 169 -6.66 0.31 2.26
CA ASN A 169 -5.20 0.53 2.12
C ASN A 169 -4.79 1.93 2.63
N LEU A 170 -5.60 2.93 2.33
CA LEU A 170 -5.33 4.32 2.72
C LEU A 170 -5.97 4.70 4.07
N ALA A 171 -7.31 4.78 4.11
CA ALA A 171 -8.00 5.25 5.31
C ALA A 171 -7.95 4.31 6.51
N LYS A 172 -7.71 3.03 6.28
CA LYS A 172 -7.64 2.02 7.35
C LYS A 172 -8.90 2.02 8.26
N ILE A 173 -10.07 2.00 7.63
CA ILE A 173 -11.34 2.11 8.34
C ILE A 173 -11.51 0.95 9.34
N GLN A 174 -12.07 1.28 10.50
CA GLN A 174 -12.27 0.30 11.59
C GLN A 174 -13.73 0.11 11.92
N SER A 175 -14.07 -1.06 12.44
CA SER A 175 -15.41 -1.30 12.99
C SER A 175 -15.83 -0.21 13.98
N GLY A 176 -17.07 0.26 13.84
CA GLY A 176 -17.62 1.28 14.72
C GLY A 176 -17.40 2.72 14.30
N GLU A 177 -16.50 2.96 13.35
CA GLU A 177 -16.29 4.31 12.84
C GLU A 177 -17.40 4.82 11.91
N ARG A 178 -17.56 6.12 11.90
CA ARG A 178 -18.54 6.77 11.04
C ARG A 178 -17.88 7.16 9.72
N VAL A 179 -18.50 6.75 8.61
CA VAL A 179 -18.01 7.11 7.28
C VAL A 179 -19.14 7.77 6.44
N LEU A 180 -18.82 8.92 5.82
CA LEU A 180 -19.68 9.57 4.83
C LEU A 180 -19.24 9.17 3.42
N ILE A 181 -20.15 8.52 2.69
CA ILE A 181 -19.89 8.09 1.33
C ILE A 181 -20.74 8.95 0.45
N HIS A 182 -20.10 9.83 -0.32
CA HIS A 182 -20.81 10.70 -1.24
C HIS A 182 -21.17 9.97 -2.54
N ALA A 183 -22.23 10.43 -3.22
CA ALA A 183 -22.59 9.91 -4.54
C ALA A 183 -22.77 8.41 -4.42
N ALA A 184 -23.48 8.03 -3.37
CA ALA A 184 -23.48 6.63 -2.92
C ALA A 184 -24.27 5.66 -3.81
N SER A 185 -25.01 6.20 -4.80
CA SER A 185 -25.78 5.39 -5.74
CA SER A 185 -25.76 5.35 -5.72
C SER A 185 -24.95 4.97 -6.95
N GLY A 186 -23.84 5.69 -7.21
CA GLY A 186 -22.95 5.33 -8.32
C GLY A 186 -22.18 4.06 -8.00
N GLY A 187 -21.49 3.51 -9.01
CA GLY A 187 -20.77 2.23 -8.86
C GLY A 187 -19.81 2.17 -7.69
N THR A 188 -18.87 3.11 -7.63
CA THR A 188 -17.88 3.14 -6.57
C THR A 188 -18.52 3.34 -5.20
N GLY A 189 -19.51 4.22 -5.14
CA GLY A 189 -20.19 4.51 -3.88
C GLY A 189 -20.86 3.24 -3.38
N GLN A 190 -21.43 2.48 -4.31
CA GLN A 190 -22.14 1.23 -3.93
C GLN A 190 -21.19 0.17 -3.37
N ALA A 191 -20.02 0.05 -3.99
CA ALA A 191 -18.94 -0.81 -3.50
C ALA A 191 -18.46 -0.40 -2.11
N ALA A 192 -18.23 0.88 -1.94
CA ALA A 192 -17.83 1.41 -0.66
C ALA A 192 -18.87 1.12 0.44
N ILE A 193 -20.18 1.21 0.12
CA ILE A 193 -21.21 0.82 1.12
C ILE A 193 -21.03 -0.64 1.53
N GLN A 194 -20.88 -1.52 0.54
CA GLN A 194 -20.73 -2.96 0.83
C GLN A 194 -19.50 -3.23 1.69
N LEU A 195 -18.38 -2.60 1.35
CA LEU A 195 -17.15 -2.78 2.12
C LEU A 195 -17.25 -2.22 3.55
N ALA A 196 -17.70 -0.96 3.67
CA ALA A 196 -17.81 -0.28 4.97
C ALA A 196 -18.77 -1.06 5.89
N GLN A 197 -19.87 -1.51 5.31
CA GLN A 197 -20.85 -2.27 6.10
C GLN A 197 -20.24 -3.59 6.53
N PHE A 198 -19.49 -4.24 5.64
CA PHE A 198 -18.83 -5.50 5.97
C PHE A 198 -17.86 -5.34 7.15
N TRP A 199 -17.16 -4.21 7.17
CA TRP A 199 -16.16 -3.92 8.19
C TRP A 199 -16.83 -3.36 9.45
N GLY A 200 -18.13 -3.10 9.34
CA GLY A 200 -18.95 -2.71 10.47
C GLY A 200 -18.84 -1.26 10.84
N ALA A 201 -18.59 -0.41 9.84
CA ALA A 201 -18.63 1.03 10.00
C ALA A 201 -20.09 1.48 9.99
N GLU A 202 -20.36 2.63 10.61
CA GLU A 202 -21.66 3.29 10.47
C GLU A 202 -21.65 4.18 9.23
N VAL A 203 -22.45 3.81 8.24
CA VAL A 203 -22.51 4.53 6.97
C VAL A 203 -23.51 5.69 6.96
N PHE A 204 -23.00 6.86 6.59
CA PHE A 204 -23.80 8.02 6.20
C PHE A 204 -23.63 8.18 4.69
N ALA A 205 -24.70 8.50 3.98
CA ALA A 205 -24.65 8.56 2.51
C ALA A 205 -25.32 9.81 1.96
N THR A 206 -24.80 10.30 0.83
CA THR A 206 -25.53 11.29 0.03
C THR A 206 -25.83 10.73 -1.35
N THR A 207 -26.99 11.09 -1.88
CA THR A 207 -27.34 10.73 -3.25
C THR A 207 -28.40 11.73 -3.75
N SER A 208 -28.87 11.57 -4.98
CA SER A 208 -29.96 12.45 -5.47
C SER A 208 -31.28 12.13 -4.72
N PRO A 209 -32.13 13.17 -4.47
CA PRO A 209 -33.32 12.86 -3.69
C PRO A 209 -34.12 11.67 -4.25
N GLN A 210 -34.20 11.57 -5.57
CA GLN A 210 -35.00 10.51 -6.21
C GLN A 210 -34.48 9.11 -5.89
N LYS A 211 -33.20 9.02 -5.50
CA LYS A 211 -32.59 7.72 -5.22
C LYS A 211 -32.46 7.38 -3.74
N MET A 212 -32.91 8.29 -2.87
CA MET A 212 -32.75 8.06 -1.43
C MET A 212 -33.45 6.82 -0.91
N ALA A 213 -34.65 6.55 -1.43
CA ALA A 213 -35.45 5.39 -0.99
C ALA A 213 -34.72 4.05 -1.16
N VAL A 214 -34.08 3.85 -2.31
CA VAL A 214 -33.34 2.61 -2.51
C VAL A 214 -32.16 2.47 -1.55
N LEU A 215 -31.45 3.57 -1.25
CA LEU A 215 -30.34 3.50 -0.30
C LEU A 215 -30.82 3.12 1.09
N ARG A 216 -31.94 3.71 1.50
CA ARG A 216 -32.56 3.39 2.78
C ARG A 216 -32.76 1.89 2.95
N GLU A 217 -33.22 1.21 1.90
CA GLU A 217 -33.50 -0.23 2.01
C GLU A 217 -32.26 -1.12 1.95
N GLN A 218 -31.14 -0.56 1.50
CA GLN A 218 -29.83 -1.22 1.66
C GLN A 218 -29.38 -1.13 3.12
N GLY A 219 -30.24 -0.53 3.94
CA GLY A 219 -29.99 -0.47 5.38
C GLY A 219 -29.21 0.74 5.84
N ILE A 220 -29.15 1.77 5.01
CA ILE A 220 -28.47 2.99 5.44
C ILE A 220 -29.40 3.87 6.27
N LYS A 221 -28.99 4.10 7.50
CA LYS A 221 -29.73 4.90 8.47
C LYS A 221 -29.83 6.38 8.06
N HIS A 222 -28.74 6.95 7.56
CA HIS A 222 -28.69 8.39 7.32
C HIS A 222 -28.38 8.73 5.87
N VAL A 223 -29.39 9.22 5.15
CA VAL A 223 -29.24 9.52 3.72
C VAL A 223 -29.61 10.97 3.41
N MET A 224 -28.74 11.64 2.66
CA MET A 224 -28.82 13.07 2.40
C MET A 224 -28.64 13.45 0.94
N ASN A 225 -28.88 14.73 0.62
CA ASN A 225 -28.90 15.22 -0.75
C ASN A 225 -27.51 15.56 -1.24
N SER A 226 -27.11 14.91 -2.33
CA SER A 226 -25.79 15.16 -2.90
C SER A 226 -25.69 16.44 -3.74
N ARG A 227 -26.81 17.10 -4.00
CA ARG A 227 -26.86 18.24 -4.94
C ARG A 227 -26.97 19.60 -4.25
N THR A 228 -26.92 19.57 -2.92
CA THR A 228 -26.76 20.78 -2.10
C THR A 228 -25.68 20.53 -1.05
N THR A 229 -25.22 21.59 -0.40
CA THR A 229 -24.27 21.46 0.72
C THR A 229 -25.00 21.35 2.07
N GLU A 230 -26.32 21.14 2.03
CA GLU A 230 -27.11 21.01 3.27
C GLU A 230 -26.66 19.86 4.19
N PHE A 231 -26.01 18.83 3.63
CA PHE A 231 -25.53 17.67 4.44
C PHE A 231 -24.60 18.07 5.61
N ALA A 232 -23.80 19.12 5.42
CA ALA A 232 -22.89 19.62 6.47
C ALA A 232 -23.61 19.88 7.79
N ASN A 233 -24.65 20.70 7.74
CA ASN A 233 -25.44 21.05 8.92
C ASN A 233 -26.16 19.83 9.48
N GLU A 234 -26.67 18.99 8.57
CA GLU A 234 -27.42 17.79 8.94
C GLU A 234 -26.56 16.79 9.72
N ILE A 235 -25.33 16.58 9.26
CA ILE A 235 -24.38 15.68 9.95
C ILE A 235 -23.91 16.26 11.28
N ARG A 236 -23.65 17.56 11.31
CA ARG A 236 -23.33 18.30 12.54
C ARG A 236 -24.39 18.06 13.61
N GLU A 237 -25.66 18.18 13.21
CA GLU A 237 -26.80 17.91 14.08
C GLU A 237 -26.86 16.43 14.46
N LEU A 238 -26.81 15.56 13.45
CA LEU A 238 -26.93 14.11 13.68
C LEU A 238 -25.87 13.59 14.63
N THR A 239 -24.64 14.09 14.48
CA THR A 239 -23.53 13.66 15.32
C THR A 239 -23.31 14.60 16.52
N GLN A 240 -24.18 15.60 16.69
CA GLN A 240 -24.03 16.58 17.79
C GLN A 240 -22.61 17.16 17.83
N GLY A 241 -22.12 17.60 16.66
CA GLY A 241 -20.80 18.26 16.55
C GLY A 241 -19.56 17.39 16.48
N LYS A 242 -19.72 16.07 16.56
CA LYS A 242 -18.58 15.14 16.58
C LYS A 242 -17.99 14.91 15.16
N GLY A 243 -18.86 14.93 14.16
CA GLY A 243 -18.45 14.73 12.77
C GLY A 243 -18.32 13.25 12.43
N VAL A 244 -17.75 12.99 11.26
CA VAL A 244 -17.45 11.63 10.82
C VAL A 244 -15.94 11.38 10.76
N ASP A 245 -15.57 10.13 10.95
CA ASP A 245 -14.17 9.69 10.96
C ASP A 245 -13.54 9.59 9.57
N VAL A 246 -14.33 9.17 8.59
CA VAL A 246 -13.82 9.01 7.22
C VAL A 246 -14.82 9.64 6.26
N ILE A 247 -14.29 10.36 5.27
CA ILE A 247 -15.12 10.78 4.15
C ILE A 247 -14.56 10.14 2.89
N PHE A 248 -15.45 9.53 2.11
CA PHE A 248 -15.10 8.98 0.82
C PHE A 248 -15.81 9.87 -0.22
N ASN A 249 -15.06 10.76 -0.87
CA ASN A 249 -15.64 11.79 -1.72
C ASN A 249 -15.35 11.70 -3.22
N SER A 250 -16.34 12.08 -4.03
CA SER A 250 -16.12 12.26 -5.47
C SER A 250 -16.77 13.54 -6.01
N LEU A 251 -17.20 14.42 -5.10
CA LEU A 251 -17.78 15.74 -5.45
C LEU A 251 -16.97 16.94 -4.90
N THR A 252 -16.39 17.73 -5.79
CA THR A 252 -15.53 18.86 -5.39
C THR A 252 -16.04 20.22 -5.86
N HIS A 253 -16.85 20.20 -6.92
CA HIS A 253 -17.41 21.39 -7.54
C HIS A 253 -17.96 22.40 -6.53
N GLY A 254 -17.60 23.67 -6.70
CA GLY A 254 -18.06 24.74 -5.82
C GLY A 254 -17.51 24.69 -4.41
N GLU A 255 -18.39 24.50 -3.44
CA GLU A 255 -18.00 24.59 -2.03
C GLU A 255 -18.04 23.25 -1.28
N TYR A 256 -18.04 22.12 -2.01
CA TYR A 256 -18.18 20.82 -1.35
C TYR A 256 -16.94 20.39 -0.56
N ILE A 257 -15.73 20.64 -1.08
CA ILE A 257 -14.49 20.29 -0.36
C ILE A 257 -14.46 20.93 1.02
N GLN A 258 -14.72 22.24 1.10
CA GLN A 258 -14.71 22.93 2.39
C GLN A 258 -15.82 22.44 3.33
N LYS A 259 -16.99 22.14 2.77
CA LYS A 259 -18.06 21.55 3.57
C LYS A 259 -17.69 20.16 4.11
N ASN A 260 -16.98 19.38 3.31
CA ASN A 260 -16.48 18.09 3.80
C ASN A 260 -15.53 18.28 4.97
N LEU A 261 -14.61 19.23 4.84
CA LEU A 261 -13.66 19.50 5.93
C LEU A 261 -14.35 19.86 7.25
N ASP A 262 -15.45 20.60 7.15
CA ASP A 262 -16.27 21.03 8.30
C ASP A 262 -16.92 19.88 9.09
N VAL A 263 -17.19 18.75 8.45
CA VAL A 263 -17.88 17.64 9.14
C VAL A 263 -16.95 16.50 9.53
N LEU A 264 -15.68 16.63 9.17
CA LEU A 264 -14.70 15.62 9.47
C LEU A 264 -14.36 15.70 10.95
N ALA A 265 -14.41 14.55 11.63
CA ALA A 265 -14.04 14.45 13.03
C ALA A 265 -12.59 14.86 13.21
N LEU A 266 -12.21 15.13 14.46
CA LEU A 266 -10.82 15.36 14.83
C LEU A 266 -9.95 14.17 14.43
N GLU A 267 -8.90 14.45 13.67
CA GLU A 267 -7.97 13.45 13.14
C GLU A 267 -8.64 12.48 12.15
N GLY A 268 -9.71 12.95 11.53
CA GLY A 268 -10.39 12.16 10.49
C GLY A 268 -9.57 12.02 9.22
N ARG A 269 -10.09 11.21 8.30
CA ARG A 269 -9.40 10.87 7.05
C ARG A 269 -10.30 11.25 5.87
N TYR A 270 -9.73 11.99 4.92
CA TYR A 270 -10.46 12.49 3.78
C TYR A 270 -9.94 11.81 2.51
N ILE A 271 -10.76 10.94 1.91
CA ILE A 271 -10.39 10.24 0.68
C ILE A 271 -11.03 10.98 -0.49
N GLU A 272 -10.20 11.46 -1.42
CA GLU A 272 -10.67 12.30 -2.54
C GLU A 272 -10.41 11.62 -3.87
N ILE A 273 -11.46 11.17 -4.58
CA ILE A 273 -11.20 10.55 -5.89
C ILE A 273 -11.66 11.41 -7.08
N SER A 274 -12.10 12.63 -6.81
CA SER A 274 -12.48 13.56 -7.88
C SER A 274 -11.23 13.95 -8.70
N LYS A 275 -11.42 14.25 -9.98
CA LYS A 275 -10.27 14.59 -10.86
C LYS A 275 -10.13 16.09 -11.12
N ARG A 276 -11.26 16.78 -11.27
CA ARG A 276 -11.27 18.21 -11.56
C ARG A 276 -11.24 19.02 -10.27
N LYS A 277 -10.41 20.07 -10.24
CA LYS A 277 -10.28 21.00 -9.12
C LYS A 277 -10.27 20.33 -7.74
N ILE A 278 -9.12 19.80 -7.34
CA ILE A 278 -8.93 19.34 -5.97
C ILE A 278 -7.82 20.12 -5.26
N TRP A 279 -7.90 20.20 -3.93
CA TRP A 279 -6.92 20.94 -3.11
C TRP A 279 -5.62 20.15 -2.90
N SER A 280 -4.51 20.87 -2.72
CA SER A 280 -3.22 20.26 -2.35
C SER A 280 -3.19 19.95 -0.84
N HIS A 281 -2.27 19.09 -0.43
CA HIS A 281 -2.04 18.80 0.99
C HIS A 281 -1.80 20.04 1.85
N SER A 282 -1.01 20.99 1.34
CA SER A 282 -0.75 22.26 2.03
C SER A 282 -2.02 23.11 2.22
N GLN A 283 -2.81 23.26 1.16
CA GLN A 283 -4.12 23.94 1.25
C GLN A 283 -5.05 23.29 2.25
N VAL A 284 -5.12 21.95 2.23
CA VAL A 284 -5.93 21.21 3.20
C VAL A 284 -5.44 21.47 4.64
N ALA A 285 -4.12 21.42 4.84
CA ALA A 285 -3.49 21.66 6.14
C ALA A 285 -3.71 23.07 6.69
N GLN A 286 -3.86 24.06 5.79
CA GLN A 286 -4.18 25.44 6.20
C GLN A 286 -5.53 25.48 6.92
N LYS A 287 -6.49 24.68 6.45
CA LYS A 287 -7.85 24.69 6.98
C LYS A 287 -8.06 23.68 8.10
N ARG A 288 -7.47 22.50 7.97
CA ARG A 288 -7.55 21.46 9.01
C ARG A 288 -6.19 20.75 9.10
N SER A 289 -5.37 21.19 10.05
CA SER A 289 -4.02 20.63 10.18
C SER A 289 -3.99 19.24 10.84
N ASP A 290 -5.12 18.79 11.36
CA ASP A 290 -5.23 17.55 12.11
C ASP A 290 -5.62 16.33 11.27
N ILE A 291 -6.06 16.55 10.04
CA ILE A 291 -6.65 15.41 9.27
C ILE A 291 -5.68 14.77 8.28
N LYS A 292 -5.89 13.50 8.00
CA LYS A 292 -5.17 12.80 6.96
C LYS A 292 -5.90 13.03 5.64
N TYR A 293 -5.13 13.29 4.59
CA TYR A 293 -5.69 13.62 3.27
C TYR A 293 -5.16 12.67 2.19
N PHE A 294 -6.09 11.98 1.54
CA PHE A 294 -5.77 10.98 0.56
C PHE A 294 -6.45 11.25 -0.79
N PRO A 295 -5.96 12.24 -1.53
CA PRO A 295 -6.40 12.31 -2.92
C PRO A 295 -5.70 11.23 -3.74
N PHE A 296 -6.45 10.48 -4.56
CA PHE A 296 -5.79 9.44 -5.37
C PHE A 296 -6.53 9.12 -6.64
N ASP A 297 -5.77 8.55 -7.59
CA ASP A 297 -6.30 8.02 -8.83
C ASP A 297 -5.79 6.58 -8.90
N LEU A 298 -6.70 5.64 -9.06
CA LEU A 298 -6.30 4.24 -8.99
C LEU A 298 -5.21 3.90 -10.00
N LEU A 299 -5.32 4.47 -11.20
CA LEU A 299 -4.31 4.22 -12.23
C LEU A 299 -2.91 4.76 -11.89
N GLU A 300 -2.84 5.92 -11.25
CA GLU A 300 -1.55 6.43 -10.76
C GLU A 300 -0.98 5.55 -9.64
N GLU A 301 -1.85 5.05 -8.77
CA GLU A 301 -1.39 4.18 -7.67
C GLU A 301 -0.79 2.88 -8.22
N PHE A 302 -1.40 2.31 -9.26
CA PHE A 302 -0.83 1.14 -9.98
C PHE A 302 0.56 1.51 -10.57
N ASN A 303 0.66 2.69 -11.16
CA ASN A 303 1.99 3.14 -11.65
C ASN A 303 3.07 3.11 -10.60
N ARG A 304 2.70 3.42 -9.36
CA ARG A 304 3.60 3.34 -8.20
C ARG A 304 3.86 1.91 -7.73
N ASP A 305 2.91 1.01 -7.96
CA ASP A 305 3.00 -0.33 -7.40
C ASP A 305 2.23 -1.21 -8.35
N ASN A 306 2.94 -1.86 -9.27
CA ASN A 306 2.31 -2.66 -10.31
C ASN A 306 1.69 -3.95 -9.78
N GLN A 307 1.89 -4.27 -8.49
CA GLN A 307 1.23 -5.44 -7.94
C GLN A 307 -0.09 -5.05 -7.23
N LEU A 308 -0.49 -3.78 -7.34
CA LEU A 308 -1.64 -3.29 -6.56
C LEU A 308 -2.93 -4.08 -6.79
N TYR A 309 -3.26 -4.33 -8.06
CA TYR A 309 -4.46 -5.08 -8.39
C TYR A 309 -4.36 -6.53 -7.96
N TYR A 310 -3.23 -7.18 -8.25
CA TYR A 310 -3.01 -8.55 -7.75
C TYR A 310 -3.23 -8.67 -6.23
N GLN A 311 -2.62 -7.74 -5.48
CA GLN A 311 -2.67 -7.74 -4.01
CA GLN A 311 -2.68 -7.81 -4.03
C GLN A 311 -4.08 -7.51 -3.47
N ILE A 312 -4.80 -6.55 -4.05
CA ILE A 312 -6.18 -6.29 -3.61
C ILE A 312 -7.03 -7.55 -3.91
N TRP A 313 -6.86 -8.08 -5.11
CA TRP A 313 -7.71 -9.18 -5.55
C TRP A 313 -7.51 -10.50 -4.79
N LYS A 314 -6.30 -10.70 -4.28
CA LYS A 314 -6.01 -11.86 -3.43
C LYS A 314 -6.98 -11.96 -2.25
N LYS A 315 -7.30 -10.81 -1.68
CA LYS A 315 -8.27 -10.72 -0.62
C LYS A 315 -9.69 -10.71 -1.16
N LEU A 316 -9.98 -9.80 -2.08
CA LEU A 316 -11.35 -9.65 -2.56
C LEU A 316 -11.97 -10.87 -3.21
N ILE A 317 -11.20 -11.67 -3.97
CA ILE A 317 -11.81 -12.82 -4.66
C ILE A 317 -12.47 -13.77 -3.66
N GLN A 318 -11.85 -13.94 -2.50
CA GLN A 318 -12.43 -14.80 -1.46
C GLN A 318 -13.77 -14.27 -0.92
N CYS A 319 -13.86 -12.96 -0.71
CA CYS A 319 -15.12 -12.32 -0.33
C CYS A 319 -16.26 -12.59 -1.32
N PHE A 320 -15.95 -12.51 -2.62
CA PHE A 320 -16.97 -12.71 -3.64
C PHE A 320 -17.32 -14.22 -3.69
N GLU A 321 -16.32 -15.08 -3.50
CA GLU A 321 -16.56 -16.54 -3.45
C GLU A 321 -17.39 -16.99 -2.22
N ASN A 322 -17.23 -16.31 -1.10
CA ASN A 322 -18.03 -16.59 0.09
C ASN A 322 -19.32 -15.82 0.17
N LYS A 323 -19.60 -14.99 -0.84
CA LYS A 323 -20.80 -14.19 -0.88
C LYS A 323 -20.86 -13.10 0.22
N GLU A 324 -19.69 -12.74 0.75
CA GLU A 324 -19.55 -11.62 1.68
C GLU A 324 -19.65 -10.27 0.95
N LEU A 325 -19.26 -10.27 -0.33
CA LEU A 325 -19.54 -9.13 -1.21
C LEU A 325 -20.30 -9.62 -2.42
N HIS A 326 -20.95 -8.73 -3.16
CA HIS A 326 -21.70 -9.17 -4.32
C HIS A 326 -21.65 -8.20 -5.49
N PRO A 327 -21.87 -8.71 -6.72
CA PRO A 327 -21.77 -7.79 -7.87
C PRO A 327 -22.89 -6.77 -7.82
N LEU A 328 -22.69 -5.69 -8.57
CA LEU A 328 -23.55 -4.52 -8.49
C LEU A 328 -24.72 -4.60 -9.50
N VAL A 329 -25.82 -3.91 -9.17
CA VAL A 329 -26.90 -3.72 -10.12
C VAL A 329 -26.38 -3.11 -11.43
N TYR A 330 -26.85 -3.64 -12.56
CA TYR A 330 -26.46 -3.12 -13.86
C TYR A 330 -27.56 -3.21 -14.91
N LYS A 331 -27.37 -2.45 -15.98
CA LYS A 331 -28.16 -2.55 -17.19
C LYS A 331 -27.19 -2.77 -18.35
N THR A 332 -27.52 -3.68 -19.26
CA THR A 332 -26.69 -3.89 -20.44
C THR A 332 -27.17 -3.17 -21.71
N PHE A 333 -26.21 -2.89 -22.59
CA PHE A 333 -26.46 -2.32 -23.92
C PHE A 333 -25.53 -3.03 -24.89
N PRO A 334 -25.99 -3.32 -26.12
CA PRO A 334 -25.08 -3.81 -27.15
C PRO A 334 -24.16 -2.68 -27.65
N ASN A 335 -22.97 -3.01 -28.14
CA ASN A 335 -22.03 -1.95 -28.54
C ASN A 335 -22.53 -0.98 -29.63
N GLU A 336 -23.41 -1.41 -30.53
CA GLU A 336 -23.98 -0.47 -31.52
C GLU A 336 -24.77 0.67 -30.88
N ASP A 337 -25.26 0.43 -29.66
CA ASP A 337 -25.98 1.44 -28.87
C ASP A 337 -25.08 2.19 -27.86
N ILE A 338 -23.80 2.31 -28.20
CA ILE A 338 -22.79 2.97 -27.34
C ILE A 338 -23.19 4.39 -26.89
N VAL A 339 -23.78 5.16 -27.80
CA VAL A 339 -24.12 6.56 -27.52
C VAL A 339 -25.22 6.58 -26.44
N GLU A 340 -26.23 5.72 -26.61
CA GLU A 340 -27.31 5.61 -25.63
C GLU A 340 -26.82 5.07 -24.29
N ALA A 341 -25.84 4.17 -24.34
CA ALA A 341 -25.19 3.65 -23.12
C ALA A 341 -24.53 4.78 -22.34
N PHE A 342 -23.74 5.62 -23.03
CA PHE A 342 -23.12 6.79 -22.35
C PHE A 342 -24.17 7.72 -21.76
N ARG A 343 -25.20 8.07 -22.56
CA ARG A 343 -26.24 8.98 -22.06
C ARG A 343 -27.01 8.40 -20.87
N TYR A 344 -27.22 7.10 -20.92
CA TYR A 344 -27.95 6.43 -19.83
C TYR A 344 -27.19 6.56 -18.51
N LEU A 345 -25.86 6.41 -18.54
CA LEU A 345 -25.03 6.60 -17.32
C LEU A 345 -25.01 8.08 -16.91
N GLN A 346 -24.83 8.97 -17.89
CA GLN A 346 -24.82 10.41 -17.61
C GLN A 346 -26.10 10.83 -16.87
N ARG A 347 -27.24 10.29 -17.28
CA ARG A 347 -28.51 10.61 -16.62
C ARG A 347 -28.66 9.93 -15.25
N SER A 348 -28.18 8.68 -15.14
CA SER A 348 -28.32 7.88 -13.92
C SER A 348 -29.63 8.15 -13.16
N LYS A 349 -30.76 7.80 -13.78
CA LYS A 349 -32.06 7.96 -13.12
C LYS A 349 -32.25 6.93 -12.02
N HIS A 350 -31.71 5.74 -12.24
CA HIS A 350 -31.77 4.67 -11.26
C HIS A 350 -30.35 4.29 -10.84
N ILE A 351 -30.23 3.61 -9.72
CA ILE A 351 -29.01 2.94 -9.30
C ILE A 351 -28.69 1.88 -10.35
N GLY A 352 -27.43 1.79 -10.76
CA GLY A 352 -27.04 0.73 -11.70
C GLY A 352 -25.87 1.13 -12.55
N ARG A 353 -24.89 0.22 -12.67
CA ARG A 353 -23.82 0.38 -13.65
C ARG A 353 -24.35 0.15 -15.06
N VAL A 354 -23.61 0.63 -16.07
CA VAL A 354 -24.00 0.44 -17.46
C VAL A 354 -22.91 -0.43 -18.09
N VAL A 355 -23.28 -1.64 -18.53
CA VAL A 355 -22.32 -2.57 -19.13
C VAL A 355 -22.65 -2.77 -20.60
N VAL A 356 -21.65 -2.63 -21.46
CA VAL A 356 -21.80 -2.76 -22.89
C VAL A 356 -21.22 -4.10 -23.32
N THR A 357 -22.00 -4.84 -24.09
CA THR A 357 -21.53 -6.13 -24.58
C THR A 357 -20.89 -5.96 -25.96
N MET A 358 -19.84 -6.72 -26.20
CA MET A 358 -19.14 -6.69 -27.48
C MET A 358 -19.57 -7.89 -28.35
N PRO A 359 -19.65 -7.71 -29.67
CA PRO A 359 -20.19 -8.72 -30.61
C PRO A 359 -19.63 -10.13 -30.43
N SER B 22 14.10 9.38 41.83
CA SER B 22 13.53 10.66 41.31
C SER B 22 12.85 11.47 42.43
N ASN B 23 12.82 12.79 42.25
CA ASN B 23 12.12 13.67 43.16
C ASN B 23 10.58 13.61 43.00
N ALA B 24 10.11 13.13 41.86
CA ALA B 24 8.67 13.19 41.56
C ALA B 24 7.89 12.09 42.27
N THR B 25 6.60 12.36 42.46
CA THR B 25 5.69 11.43 43.11
C THR B 25 4.84 10.70 42.08
N THR B 26 4.59 11.36 40.96
CA THR B 26 3.66 10.94 39.92
C THR B 26 4.31 11.24 38.57
N SER B 27 3.78 10.59 37.53
CA SER B 27 4.28 10.76 36.15
C SER B 27 3.13 10.67 35.16
N GLN B 28 3.37 11.14 33.93
CA GLN B 28 2.42 11.02 32.85
C GLN B 28 3.08 10.41 31.63
N PRO B 29 2.26 9.75 30.79
CA PRO B 29 2.84 9.27 29.55
C PRO B 29 3.25 10.39 28.59
N VAL B 30 4.27 10.05 27.80
CA VAL B 30 4.87 10.92 26.81
C VAL B 30 4.97 10.22 25.45
N GLN B 31 5.20 11.01 24.42
CA GLN B 31 5.34 10.50 23.05
C GLN B 31 6.36 11.31 22.32
N LEU B 32 7.16 10.67 21.48
CA LEU B 32 8.22 11.42 20.74
C LEU B 32 7.65 12.03 19.44
N LYS B 33 7.95 13.32 19.23
CA LYS B 33 7.54 14.04 18.02
C LYS B 33 8.73 14.87 17.56
N ILE B 34 8.55 15.56 16.44
CA ILE B 34 9.59 16.49 15.97
C ILE B 34 8.98 17.83 15.60
N ALA B 35 9.67 18.89 16.01
CA ALA B 35 9.15 20.23 15.86
C ALA B 35 9.16 20.72 14.42
N SER B 36 10.15 20.30 13.64
CA SER B 36 10.24 20.64 12.23
C SER B 36 11.17 19.64 11.55
N TYR B 37 10.99 19.44 10.25
CA TYR B 37 11.82 18.50 9.51
C TYR B 37 13.25 18.97 9.42
N GLY B 38 14.17 17.99 9.40
CA GLY B 38 15.52 18.27 8.97
C GLY B 38 16.59 18.40 10.04
N LEU B 39 16.21 18.52 11.31
CA LEU B 39 17.21 18.63 12.36
C LEU B 39 16.87 17.74 13.53
N LEU B 40 17.77 16.81 13.84
CA LEU B 40 17.51 15.86 14.92
C LEU B 40 17.40 16.59 16.26
N LYS B 41 18.04 17.74 16.40
CA LYS B 41 17.96 18.50 17.66
C LYS B 41 16.52 18.90 18.02
N ASN B 42 15.66 18.99 17.00
CA ASN B 42 14.26 19.34 17.21
C ASN B 42 13.34 18.19 17.59
N LEU B 43 13.89 17.00 17.77
CA LEU B 43 13.10 15.91 18.40
C LEU B 43 12.63 16.34 19.80
N THR B 44 11.34 16.13 20.10
CA THR B 44 10.69 16.59 21.33
C THR B 44 9.80 15.50 21.91
N TRP B 45 10.02 15.11 23.17
CA TRP B 45 8.96 14.43 23.95
C TRP B 45 7.83 15.41 24.28
N VAL B 46 6.60 14.92 24.19
CA VAL B 46 5.43 15.71 24.54
C VAL B 46 4.48 14.83 25.35
N SER B 47 3.65 15.48 26.16
CA SER B 47 2.56 14.84 26.89
C SER B 47 1.67 14.02 25.96
N LEU B 48 1.39 12.78 26.38
CA LEU B 48 0.51 11.87 25.66
C LEU B 48 -0.72 11.60 26.51
N GLU B 49 -1.89 11.79 25.91
CA GLU B 49 -3.15 11.49 26.57
C GLU B 49 -3.31 9.98 26.82
N ASN B 50 -3.70 9.61 28.03
CA ASN B 50 -3.93 8.19 28.36
C ASN B 50 -5.07 7.63 27.50
N GLN B 51 -4.98 6.33 27.20
CA GLN B 51 -5.97 5.63 26.36
C GLN B 51 -6.20 4.25 26.92
N VAL B 52 -7.38 3.70 26.69
CA VAL B 52 -7.78 2.39 27.17
C VAL B 52 -7.86 1.46 25.94
N PRO B 53 -7.49 0.17 26.09
CA PRO B 53 -7.67 -0.71 24.95
C PRO B 53 -9.15 -1.06 24.76
N GLY B 54 -9.64 -0.97 23.53
CA GLY B 54 -10.97 -1.46 23.18
C GLY B 54 -11.03 -2.97 23.06
N VAL B 55 -12.20 -3.49 22.69
CA VAL B 55 -12.36 -4.90 22.33
C VAL B 55 -11.29 -5.28 21.31
N GLY B 56 -10.59 -6.37 21.55
CA GLY B 56 -9.63 -6.88 20.58
C GLY B 56 -8.29 -6.17 20.63
N GLU B 57 -8.09 -5.29 21.62
CA GLU B 57 -6.82 -4.55 21.72
C GLU B 57 -6.03 -4.86 22.98
N VAL B 58 -4.73 -4.59 22.92
CA VAL B 58 -3.83 -4.78 24.04
C VAL B 58 -3.12 -3.47 24.30
N LYS B 59 -2.89 -3.14 25.57
CA LYS B 59 -2.10 -1.96 25.94
C LYS B 59 -0.76 -2.42 26.47
N VAL B 60 0.32 -1.89 25.88
CA VAL B 60 1.68 -2.32 26.24
C VAL B 60 2.43 -1.12 26.81
N GLN B 61 3.02 -1.31 27.99
CA GLN B 61 3.83 -0.28 28.57
C GLN B 61 5.22 -0.52 27.98
N ILE B 62 5.74 0.48 27.30
CA ILE B 62 7.01 0.31 26.60
C ILE B 62 8.23 0.39 27.50
N GLN B 63 9.16 -0.53 27.29
CA GLN B 63 10.36 -0.62 28.12
C GLN B 63 11.61 -0.26 27.34
N ALA B 64 11.65 -0.65 26.06
CA ALA B 64 12.78 -0.31 25.18
C ALA B 64 12.38 -0.30 23.72
N VAL B 65 13.00 0.60 22.96
CA VAL B 65 12.64 0.82 21.56
C VAL B 65 13.90 1.04 20.75
N PRO B 66 14.10 0.24 19.69
CA PRO B 66 15.25 0.55 18.82
C PRO B 66 14.98 1.72 17.88
N VAL B 67 16.02 2.49 17.54
CA VAL B 67 15.87 3.51 16.49
C VAL B 67 16.06 2.77 15.17
N ASN B 68 15.23 3.08 14.19
CA ASN B 68 15.40 2.54 12.83
C ASN B 68 15.78 3.64 11.86
N PHE B 69 16.42 3.26 10.74
CA PHE B 69 16.80 4.24 9.72
C PHE B 69 15.60 4.99 9.16
N ARG B 70 14.45 4.32 9.09
CA ARG B 70 13.22 4.98 8.70
C ARG B 70 12.84 6.14 9.64
N ASP B 71 13.10 6.00 10.94
CA ASP B 71 12.85 7.09 11.90
C ASP B 71 13.72 8.30 11.61
N ILE B 72 14.96 8.05 11.23
CA ILE B 72 15.92 9.11 10.86
C ILE B 72 15.47 9.83 9.59
N LEU B 73 15.25 9.04 8.53
CA LEU B 73 14.75 9.56 7.25
C LEU B 73 13.49 10.37 7.45
N ASN B 74 12.57 9.87 8.27
CA ASN B 74 11.36 10.62 8.61
C ASN B 74 11.64 11.98 9.24
N ALA B 75 12.46 11.97 10.30
CA ALA B 75 12.90 13.17 11.05
C ALA B 75 13.53 14.23 10.13
N LEU B 76 14.27 13.75 9.14
CA LEU B 76 15.01 14.63 8.24
C LEU B 76 14.17 15.13 7.07
N GLY B 77 12.93 14.65 6.99
CA GLY B 77 12.04 15.07 5.90
C GLY B 77 12.36 14.42 4.57
N MET B 78 13.00 13.27 4.64
CA MET B 78 13.43 12.57 3.44
C MET B 78 12.44 11.51 2.93
N LEU B 79 11.32 11.36 3.64
CA LEU B 79 10.27 10.45 3.17
C LEU B 79 8.95 11.20 3.06
N GLN B 80 9.03 12.47 2.64
CA GLN B 80 7.82 13.31 2.62
C GLN B 80 6.80 12.84 1.60
N GLU B 81 7.27 12.47 0.42
CA GLU B 81 6.34 12.01 -0.61
C GLU B 81 5.76 10.66 -0.23
N HIS B 82 6.61 9.76 0.27
CA HIS B 82 6.18 8.44 0.74
C HIS B 82 5.10 8.56 1.80
N ASN B 83 5.29 9.45 2.78
CA ASN B 83 4.33 9.57 3.89
C ASN B 83 3.03 10.31 3.47
N GLN B 84 3.18 11.25 2.54
CA GLN B 84 2.02 11.91 1.95
C GLN B 84 1.15 10.85 1.23
N THR B 85 1.79 10.05 0.39
CA THR B 85 1.05 9.12 -0.47
C THR B 85 0.56 7.89 0.27
N LYS B 86 1.35 7.37 1.20
CA LYS B 86 0.94 6.16 1.92
C LYS B 86 0.13 6.43 3.19
N LEU B 87 0.37 7.57 3.83
CA LEU B 87 -0.19 7.82 5.18
C LEU B 87 -1.05 9.08 5.30
N GLY B 88 -1.07 9.86 4.23
CA GLY B 88 -2.01 11.01 4.10
C GLY B 88 -1.53 12.20 4.91
N ILE B 89 -0.25 12.15 5.29
CA ILE B 89 0.33 13.15 6.21
C ILE B 89 0.40 14.53 5.56
N THR B 90 0.04 15.58 6.30
CA THR B 90 0.05 16.95 5.74
C THR B 90 1.08 17.90 6.38
N SER B 91 1.66 17.48 7.50
CA SER B 91 2.63 18.32 8.22
C SER B 91 3.46 17.46 9.15
N VAL B 92 4.62 18.02 9.53
CA VAL B 92 5.54 17.40 10.45
C VAL B 92 4.85 17.04 11.77
N ASP B 93 3.78 17.75 12.11
CA ASP B 93 3.08 17.57 13.38
C ASP B 93 2.35 16.21 13.45
N HIS B 94 2.20 15.57 12.31
CA HIS B 94 1.58 14.24 12.25
C HIS B 94 2.56 13.10 12.54
N LEU B 95 3.86 13.37 12.42
CA LEU B 95 4.87 12.30 12.44
C LEU B 95 5.05 11.73 13.86
N THR B 96 5.02 10.40 13.99
CA THR B 96 5.46 9.74 15.23
C THR B 96 6.62 8.79 14.90
N PHE B 97 7.22 8.19 15.92
CA PHE B 97 8.43 7.41 15.69
C PHE B 97 8.37 6.08 16.40
N GLY B 98 9.12 5.12 15.87
CA GLY B 98 9.27 3.78 16.46
C GLY B 98 8.43 2.68 15.83
N PHE B 99 9.10 1.68 15.23
CA PHE B 99 8.40 0.61 14.50
C PHE B 99 8.33 -0.73 15.17
N GLU B 100 8.92 -0.83 16.37
CA GLU B 100 9.06 -2.08 17.12
C GLU B 100 9.44 -1.69 18.54
N ALA B 101 9.11 -2.56 19.49
CA ALA B 101 9.49 -2.33 20.88
C ALA B 101 9.43 -3.61 21.71
N VAL B 102 9.90 -3.50 22.95
CA VAL B 102 9.65 -4.54 23.95
C VAL B 102 8.98 -3.86 25.13
N GLY B 103 8.11 -4.58 25.82
CA GLY B 103 7.44 -3.98 26.95
C GLY B 103 6.60 -4.98 27.69
N VAL B 104 5.73 -4.46 28.54
CA VAL B 104 4.89 -5.29 29.39
C VAL B 104 3.41 -4.94 29.22
N ILE B 105 2.57 -5.95 29.18
CA ILE B 105 1.14 -5.72 29.13
C ILE B 105 0.61 -5.06 30.42
N VAL B 106 -0.11 -3.95 30.25
CA VAL B 106 -0.77 -3.31 31.38
C VAL B 106 -2.30 -3.25 31.20
N GLY B 107 -2.79 -3.70 30.04
CA GLY B 107 -4.24 -3.69 29.74
C GLY B 107 -4.56 -4.71 28.65
N VAL B 108 -5.62 -5.48 28.82
CA VAL B 108 -6.10 -6.42 27.79
C VAL B 108 -7.59 -6.20 27.58
N GLY B 109 -7.99 -5.90 26.35
CA GLY B 109 -9.41 -5.67 26.05
C GLY B 109 -10.18 -6.98 26.13
N LEU B 110 -11.49 -6.90 26.32
CA LEU B 110 -12.32 -8.11 26.20
C LEU B 110 -12.12 -8.75 24.83
N GLY B 111 -12.21 -10.08 24.78
CA GLY B 111 -12.00 -10.79 23.53
C GLY B 111 -10.55 -10.88 23.04
N VAL B 112 -9.60 -10.94 23.96
CA VAL B 112 -8.20 -11.29 23.66
C VAL B 112 -7.81 -12.47 24.53
N SER B 113 -7.43 -13.58 23.88
CA SER B 113 -7.25 -14.86 24.57
C SER B 113 -5.88 -15.16 25.23
N GLN B 114 -4.77 -14.91 24.53
CA GLN B 114 -3.44 -15.28 25.07
C GLN B 114 -3.11 -14.56 26.39
N TRP B 115 -3.11 -13.24 26.32
CA TRP B 115 -2.28 -12.42 27.15
C TRP B 115 -2.80 -12.09 28.55
N GLN B 116 -1.87 -12.03 29.49
CA GLN B 116 -2.17 -11.63 30.86
C GLN B 116 -1.54 -10.27 31.15
N ILE B 117 -2.13 -9.55 32.10
CA ILE B 117 -1.51 -8.35 32.64
C ILE B 117 -0.16 -8.72 33.24
N GLY B 118 0.87 -7.97 32.83
CA GLY B 118 2.23 -8.21 33.32
C GLY B 118 3.12 -9.06 32.43
N ASP B 119 2.54 -9.72 31.42
CA ASP B 119 3.32 -10.46 30.42
C ASP B 119 4.30 -9.56 29.62
N GLU B 120 5.54 -10.01 29.46
CA GLU B 120 6.54 -9.34 28.60
C GLU B 120 6.29 -9.67 27.13
N VAL B 121 6.40 -8.66 26.25
CA VAL B 121 6.09 -8.84 24.83
C VAL B 121 7.04 -8.07 23.91
N MET B 122 7.23 -8.59 22.70
CA MET B 122 7.82 -7.85 21.59
C MET B 122 6.67 -7.27 20.75
N VAL B 123 6.79 -5.99 20.37
CA VAL B 123 5.80 -5.32 19.53
C VAL B 123 6.41 -5.12 18.17
N ILE B 124 5.70 -5.56 17.13
CA ILE B 124 6.26 -5.47 15.79
C ILE B 124 5.33 -4.67 14.91
N GLY B 125 5.87 -3.63 14.28
CA GLY B 125 5.12 -2.98 13.19
C GLY B 125 4.12 -1.90 13.55
N CYS B 126 4.29 -1.30 14.73
CA CYS B 126 3.59 -0.07 15.08
C CYS B 126 4.27 1.12 14.37
N HIS B 127 3.72 2.33 14.54
CA HIS B 127 4.32 3.57 14.03
C HIS B 127 4.69 4.55 15.15
N ASP B 128 4.29 4.19 16.36
CA ASP B 128 4.43 5.08 17.54
C ASP B 128 5.11 4.42 18.73
N ALA B 129 6.03 3.50 18.49
CA ALA B 129 6.71 2.86 19.62
C ALA B 129 7.43 3.79 20.58
N PHE B 130 7.89 4.95 20.11
CA PHE B 130 8.52 5.87 21.02
C PHE B 130 7.42 6.62 21.77
N SER B 131 6.79 5.90 22.69
CA SER B 131 5.64 6.35 23.46
C SER B 131 5.71 5.60 24.78
N SER B 132 5.18 6.19 25.87
CA SER B 132 5.21 5.48 27.15
C SER B 132 4.35 4.21 27.10
N PHE B 133 3.29 4.24 26.33
CA PHE B 133 2.50 3.02 26.09
C PHE B 133 2.06 3.01 24.63
N ILE B 134 1.68 1.83 24.12
CA ILE B 134 0.94 1.76 22.88
C ILE B 134 -0.28 0.88 23.04
N ILE B 135 -1.21 1.06 22.12
CA ILE B 135 -2.38 0.20 21.99
C ILE B 135 -2.27 -0.48 20.64
N CYS B 136 -2.36 -1.79 20.61
CA CYS B 136 -2.28 -2.46 19.33
C CYS B 136 -3.08 -3.75 19.32
N SER B 137 -3.24 -4.30 18.13
CA SER B 137 -3.80 -5.63 17.93
C SER B 137 -2.89 -6.70 18.55
N PRO B 138 -3.46 -7.82 19.04
CA PRO B 138 -2.62 -8.95 19.44
C PRO B 138 -1.77 -9.53 18.29
N ASN B 139 -2.18 -9.26 17.05
CA ASN B 139 -1.43 -9.73 15.87
C ASN B 139 -0.09 -9.01 15.73
N ASN B 140 0.05 -7.86 16.39
CA ASN B 140 1.34 -7.16 16.38
C ASN B 140 2.29 -7.56 17.52
N LEU B 141 1.90 -8.59 18.28
CA LEU B 141 2.59 -8.99 19.49
C LEU B 141 3.11 -10.42 19.45
N VAL B 142 4.34 -10.61 19.94
CA VAL B 142 4.86 -11.96 20.11
C VAL B 142 5.60 -12.05 21.43
N ALA B 143 5.72 -13.28 21.92
CA ALA B 143 6.48 -13.56 23.12
C ALA B 143 7.96 -13.50 22.84
N LYS B 144 8.70 -12.91 23.78
CA LYS B 144 10.15 -12.92 23.69
C LYS B 144 10.72 -14.34 23.82
N PRO B 145 11.86 -14.62 23.17
CA PRO B 145 12.54 -15.88 23.42
C PRO B 145 12.91 -16.00 24.90
N ALA B 146 12.69 -17.19 25.46
CA ALA B 146 12.89 -17.44 26.90
C ALA B 146 14.31 -17.13 27.38
N ASN B 147 15.30 -17.43 26.54
CA ASN B 147 16.73 -17.26 26.89
C ASN B 147 17.26 -15.84 26.73
N LEU B 148 16.45 -14.94 26.22
CA LEU B 148 16.92 -13.59 26.00
C LEU B 148 16.45 -12.61 27.07
N LYS B 149 17.30 -11.67 27.41
CA LYS B 149 16.94 -10.51 28.20
C LYS B 149 15.98 -9.69 27.33
N LEU B 150 14.95 -9.12 27.95
CA LEU B 150 13.99 -8.36 27.17
C LEU B 150 14.69 -7.28 26.29
N ILE B 151 15.74 -6.65 26.82
CA ILE B 151 16.55 -5.70 26.03
C ILE B 151 17.24 -6.27 24.77
N GLU B 152 17.85 -7.45 24.88
CA GLU B 152 18.45 -8.17 23.74
C GLU B 152 17.38 -8.50 22.71
N ALA B 153 16.21 -8.89 23.19
CA ALA B 153 15.07 -9.20 22.37
C ALA B 153 14.68 -7.99 21.52
N ALA B 154 14.91 -6.78 22.06
CA ALA B 154 14.58 -5.54 21.34
C ALA B 154 15.31 -5.40 20.00
N THR B 155 16.44 -6.11 19.83
CA THR B 155 17.20 -6.00 18.56
C THR B 155 16.62 -6.81 17.39
N ILE B 156 15.72 -7.72 17.71
CA ILE B 156 15.31 -8.77 16.78
C ILE B 156 14.22 -8.41 15.76
N PRO B 157 13.09 -7.79 16.19
CA PRO B 157 11.91 -7.82 15.32
C PRO B 157 12.11 -7.32 13.88
N ILE B 158 12.41 -6.04 13.70
CA ILE B 158 12.42 -5.53 12.32
C ILE B 158 13.52 -6.21 11.48
N PRO B 159 14.75 -6.29 12.00
CA PRO B 159 15.81 -6.94 11.21
C PRO B 159 15.50 -8.40 10.79
N PHE B 160 15.16 -9.24 11.75
CA PHE B 160 14.95 -10.68 11.45
C PHE B 160 13.66 -10.97 10.70
N PHE B 161 12.58 -10.25 11.02
CA PHE B 161 11.32 -10.48 10.32
C PHE B 161 11.45 -10.01 8.87
N THR B 162 12.10 -8.86 8.67
CA THR B 162 12.35 -8.37 7.31
C THR B 162 13.25 -9.32 6.55
N ALA B 163 14.37 -9.72 7.15
CA ALA B 163 15.31 -10.59 6.44
C ALA B 163 14.70 -11.99 6.15
N TYR B 164 13.99 -12.54 7.13
CA TYR B 164 13.35 -13.83 6.94
C TYR B 164 12.29 -13.74 5.82
N HIS B 165 11.42 -12.73 5.89
CA HIS B 165 10.40 -12.59 4.86
C HIS B 165 11.01 -12.44 3.45
N GLY B 166 11.99 -11.55 3.31
CA GLY B 166 12.62 -11.33 2.00
C GLY B 166 13.36 -12.58 1.49
N LEU B 167 14.20 -13.17 2.34
CA LEU B 167 15.04 -14.29 1.91
C LEU B 167 14.26 -15.59 1.79
N TYR B 168 13.38 -15.88 2.73
CA TYR B 168 12.74 -17.19 2.74
C TYR B 168 11.39 -17.14 2.04
N ASN B 169 10.49 -16.27 2.51
CA ASN B 169 9.14 -16.22 1.94
C ASN B 169 9.10 -15.74 0.49
N LEU B 170 9.87 -14.70 0.20
CA LEU B 170 9.86 -14.13 -1.14
C LEU B 170 10.87 -14.79 -2.11
N ALA B 171 12.16 -14.69 -1.80
CA ALA B 171 13.22 -15.16 -2.72
C ALA B 171 13.40 -16.68 -2.69
N LYS B 172 12.93 -17.30 -1.62
CA LYS B 172 13.01 -18.77 -1.46
C LYS B 172 14.46 -19.23 -1.60
N ILE B 173 15.34 -18.60 -0.84
CA ILE B 173 16.77 -18.92 -0.90
C ILE B 173 17.04 -20.39 -0.53
N GLN B 174 17.98 -21.00 -1.25
CA GLN B 174 18.33 -22.43 -1.11
C GLN B 174 19.80 -22.60 -0.72
N SER B 175 20.11 -23.74 -0.10
CA SER B 175 21.50 -24.09 0.19
C SER B 175 22.31 -24.08 -1.11
N GLY B 176 23.51 -23.51 -1.05
CA GLY B 176 24.38 -23.44 -2.23
C GLY B 176 24.25 -22.15 -3.03
N GLU B 177 23.16 -21.42 -2.80
CA GLU B 177 22.98 -20.17 -3.53
C GLU B 177 23.91 -19.06 -3.03
N ARG B 178 24.17 -18.09 -3.89
CA ARG B 178 24.99 -16.94 -3.51
C ARG B 178 24.11 -15.71 -3.37
N VAL B 179 24.32 -14.96 -2.28
CA VAL B 179 23.50 -13.78 -1.99
C VAL B 179 24.40 -12.58 -1.75
N LEU B 180 24.07 -11.47 -2.39
CA LEU B 180 24.72 -10.18 -2.13
C LEU B 180 23.85 -9.44 -1.13
N ILE B 181 24.43 -9.18 0.05
CA ILE B 181 23.78 -8.40 1.10
C ILE B 181 24.44 -7.01 1.16
N HIS B 182 23.75 -6.00 0.66
CA HIS B 182 24.28 -4.61 0.79
C HIS B 182 23.99 -4.06 2.19
N ALA B 183 24.81 -3.13 2.65
CA ALA B 183 24.67 -2.51 4.01
C ALA B 183 24.64 -3.59 5.12
N ALA B 184 25.63 -4.48 5.04
CA ALA B 184 25.63 -5.70 5.87
C ALA B 184 25.96 -5.47 7.34
N SER B 185 26.45 -4.27 7.69
CA SER B 185 26.71 -3.92 9.09
CA SER B 185 26.70 -3.91 9.08
C SER B 185 25.48 -3.37 9.81
N GLY B 186 24.47 -3.00 9.06
CA GLY B 186 23.22 -2.51 9.63
C GLY B 186 22.39 -3.65 10.21
N GLY B 187 21.38 -3.30 11.01
CA GLY B 187 20.59 -4.33 11.72
C GLY B 187 20.01 -5.38 10.78
N THR B 188 19.32 -4.92 9.73
CA THR B 188 18.73 -5.89 8.81
C THR B 188 19.80 -6.74 8.07
N GLY B 189 20.87 -6.09 7.63
CA GLY B 189 22.01 -6.75 6.99
C GLY B 189 22.63 -7.83 7.87
N GLN B 190 22.78 -7.54 9.17
CA GLN B 190 23.37 -8.50 10.13
C GLN B 190 22.44 -9.72 10.36
N ALA B 191 21.14 -9.46 10.40
CA ALA B 191 20.17 -10.55 10.52
C ALA B 191 20.18 -11.40 9.23
N ALA B 192 20.23 -10.74 8.08
CA ALA B 192 20.32 -11.44 6.77
C ALA B 192 21.54 -12.35 6.69
N ILE B 193 22.67 -11.89 7.22
CA ILE B 193 23.86 -12.74 7.26
C ILE B 193 23.60 -14.04 8.05
N GLN B 194 23.07 -13.92 9.26
CA GLN B 194 22.80 -15.11 10.09
C GLN B 194 21.83 -16.07 9.40
N LEU B 195 20.80 -15.53 8.77
CA LEU B 195 19.82 -16.36 8.13
C LEU B 195 20.40 -17.05 6.89
N ALA B 196 21.06 -16.27 6.04
CA ALA B 196 21.63 -16.80 4.78
C ALA B 196 22.55 -17.94 5.09
N GLN B 197 23.40 -17.75 6.09
CA GLN B 197 24.34 -18.80 6.44
C GLN B 197 23.63 -20.01 7.06
N PHE B 198 22.58 -19.75 7.86
CA PHE B 198 21.85 -20.87 8.45
C PHE B 198 21.33 -21.79 7.34
N TRP B 199 20.81 -21.19 6.28
CA TRP B 199 20.24 -21.91 5.15
C TRP B 199 21.29 -22.40 4.15
N GLY B 200 22.56 -22.15 4.45
CA GLY B 200 23.69 -22.60 3.62
C GLY B 200 24.01 -21.77 2.38
N ALA B 201 23.60 -20.49 2.36
CA ALA B 201 23.88 -19.62 1.21
C ALA B 201 25.26 -18.99 1.44
N GLU B 202 25.98 -18.70 0.35
CA GLU B 202 27.26 -18.03 0.47
C GLU B 202 27.06 -16.53 0.42
N VAL B 203 27.65 -15.82 1.39
CA VAL B 203 27.43 -14.37 1.58
C VAL B 203 28.49 -13.51 0.87
N PHE B 204 28.03 -12.52 0.10
CA PHE B 204 28.90 -11.45 -0.37
C PHE B 204 28.36 -10.20 0.28
N ALA B 205 29.19 -9.44 1.00
CA ALA B 205 28.65 -8.34 1.80
C ALA B 205 29.24 -7.00 1.38
N THR B 206 28.43 -5.94 1.44
CA THR B 206 29.04 -4.57 1.32
C THR B 206 28.80 -3.78 2.58
N THR B 207 29.74 -2.90 2.93
CA THR B 207 29.57 -1.97 4.06
C THR B 207 30.51 -0.79 3.87
N SER B 208 30.39 0.22 4.72
CA SER B 208 31.24 1.39 4.57
C SER B 208 32.72 1.07 4.88
N PRO B 209 33.65 1.77 4.21
CA PRO B 209 35.05 1.44 4.39
C PRO B 209 35.47 1.31 5.88
N GLN B 210 34.93 2.17 6.73
CA GLN B 210 35.31 2.21 8.13
C GLN B 210 34.75 1.03 8.95
N LYS B 211 33.87 0.24 8.33
CA LYS B 211 33.29 -0.92 9.00
C LYS B 211 33.69 -2.23 8.34
N MET B 212 34.46 -2.14 7.27
CA MET B 212 34.85 -3.33 6.51
C MET B 212 35.68 -4.28 7.39
N ALA B 213 36.60 -3.69 8.18
CA ALA B 213 37.47 -4.47 9.06
C ALA B 213 36.67 -5.21 10.14
N VAL B 214 35.69 -4.54 10.74
CA VAL B 214 34.90 -5.19 11.78
C VAL B 214 34.01 -6.30 11.20
N LEU B 215 33.56 -6.13 9.96
CA LEU B 215 32.76 -7.18 9.32
C LEU B 215 33.63 -8.40 9.01
N ARG B 216 34.86 -8.14 8.60
CA ARG B 216 35.82 -9.23 8.39
C ARG B 216 36.13 -9.93 9.70
N GLU B 217 36.23 -9.19 10.81
CA GLU B 217 36.49 -9.78 12.13
C GLU B 217 35.33 -10.65 12.63
N GLN B 218 34.13 -10.39 12.13
CA GLN B 218 32.98 -11.26 12.40
C GLN B 218 33.09 -12.57 11.63
N GLY B 219 34.03 -12.61 10.68
CA GLY B 219 34.30 -13.84 9.90
C GLY B 219 33.69 -13.93 8.52
N ILE B 220 33.08 -12.85 8.04
CA ILE B 220 32.56 -12.80 6.67
C ILE B 220 33.70 -12.77 5.63
N LYS B 221 33.69 -13.75 4.71
CA LYS B 221 34.83 -13.92 3.78
C LYS B 221 34.95 -12.84 2.74
N HIS B 222 33.81 -12.45 2.14
CA HIS B 222 33.80 -11.49 1.03
C HIS B 222 33.12 -10.21 1.46
N VAL B 223 33.94 -9.18 1.71
CA VAL B 223 33.46 -7.92 2.24
C VAL B 223 33.97 -6.86 1.28
N MET B 224 33.04 -6.07 0.75
CA MET B 224 33.34 -5.07 -0.25
C MET B 224 32.80 -3.70 0.18
N ASN B 225 33.21 -2.66 -0.53
CA ASN B 225 32.85 -1.28 -0.17
C ASN B 225 31.44 -0.94 -0.67
N SER B 226 30.54 -0.54 0.23
CA SER B 226 29.19 -0.08 -0.17
C SER B 226 29.16 1.31 -0.82
N ARG B 227 30.25 2.06 -0.74
CA ARG B 227 30.21 3.45 -1.21
C ARG B 227 30.78 3.68 -2.64
N THR B 228 31.10 2.58 -3.33
CA THR B 228 31.53 2.64 -4.73
C THR B 228 30.86 1.51 -5.48
N THR B 229 30.95 1.52 -6.82
CA THR B 229 30.34 0.44 -7.60
C THR B 229 31.34 -0.66 -7.99
N GLU B 230 32.53 -0.63 -7.40
CA GLU B 230 33.56 -1.60 -7.72
C GLU B 230 33.15 -3.03 -7.32
N PHE B 231 32.22 -3.14 -6.36
CA PHE B 231 31.72 -4.47 -5.94
C PHE B 231 31.24 -5.32 -7.12
N ALA B 232 30.74 -4.68 -8.18
CA ALA B 232 30.21 -5.42 -9.34
C ALA B 232 31.26 -6.28 -10.05
N ASN B 233 32.39 -5.68 -10.40
CA ASN B 233 33.50 -6.40 -11.01
C ASN B 233 34.14 -7.39 -10.02
N GLU B 234 34.19 -7.03 -8.75
CA GLU B 234 34.82 -7.87 -7.75
C GLU B 234 34.06 -9.19 -7.57
N ILE B 235 32.73 -9.09 -7.53
CA ILE B 235 31.85 -10.27 -7.39
C ILE B 235 32.01 -11.20 -8.61
N ARG B 236 32.07 -10.60 -9.79
CA ARG B 236 32.35 -11.37 -11.02
C ARG B 236 33.64 -12.22 -10.89
N GLU B 237 34.70 -11.61 -10.36
CA GLU B 237 35.98 -12.28 -10.17
C GLU B 237 35.90 -13.37 -9.11
N LEU B 238 35.28 -13.05 -7.97
CA LEU B 238 35.21 -13.94 -6.81
C LEU B 238 34.38 -15.20 -7.03
N THR B 239 33.42 -15.12 -7.94
CA THR B 239 32.52 -16.23 -8.16
C THR B 239 32.90 -17.00 -9.43
N GLN B 240 34.02 -16.63 -10.06
CA GLN B 240 34.43 -17.23 -11.34
C GLN B 240 33.42 -16.93 -12.44
N GLY B 241 32.83 -15.74 -12.38
CA GLY B 241 31.86 -15.31 -13.38
C GLY B 241 30.41 -15.66 -13.07
N LYS B 242 30.18 -16.53 -12.09
CA LYS B 242 28.82 -17.02 -11.81
C LYS B 242 27.86 -15.93 -11.34
N GLY B 243 28.38 -14.91 -10.64
CA GLY B 243 27.54 -13.81 -10.13
C GLY B 243 26.69 -14.30 -8.96
N VAL B 244 25.59 -13.61 -8.64
CA VAL B 244 24.76 -13.99 -7.48
C VAL B 244 23.36 -14.40 -7.89
N ASP B 245 22.73 -15.22 -7.06
CA ASP B 245 21.37 -15.72 -7.27
C ASP B 245 20.32 -14.78 -6.64
N VAL B 246 20.73 -14.08 -5.58
CA VAL B 246 19.82 -13.24 -4.81
C VAL B 246 20.56 -11.95 -4.43
N ILE B 247 19.90 -10.83 -4.69
CA ILE B 247 20.33 -9.55 -4.11
C ILE B 247 19.35 -9.14 -3.00
N PHE B 248 19.94 -8.77 -1.87
CA PHE B 248 19.22 -8.28 -0.70
C PHE B 248 19.68 -6.84 -0.48
N ASN B 249 18.92 -5.89 -1.01
CA ASN B 249 19.36 -4.49 -0.91
C ASN B 249 18.81 -3.79 0.31
N SER B 250 19.69 -3.63 1.29
CA SER B 250 19.36 -2.97 2.54
C SER B 250 19.84 -1.51 2.62
N LEU B 251 20.40 -0.99 1.53
CA LEU B 251 20.79 0.43 1.47
C LEU B 251 19.58 1.36 1.43
N THR B 252 19.77 2.64 1.79
CA THR B 252 18.65 3.58 1.84
C THR B 252 18.38 4.20 0.48
N HIS B 253 19.27 3.96 -0.48
CA HIS B 253 19.10 4.49 -1.83
C HIS B 253 18.98 3.38 -2.88
N GLY B 254 18.54 3.76 -4.09
CA GLY B 254 18.41 2.81 -5.20
C GLY B 254 19.31 3.08 -6.39
N GLU B 255 20.45 3.73 -6.15
CA GLU B 255 21.34 4.10 -7.24
C GLU B 255 22.13 2.94 -7.84
N TYR B 256 22.13 1.78 -7.17
CA TYR B 256 22.92 0.65 -7.62
C TYR B 256 22.12 -0.40 -8.40
N ILE B 257 20.85 -0.12 -8.67
CA ILE B 257 19.95 -1.12 -9.31
C ILE B 257 20.58 -1.70 -10.58
N GLN B 258 21.13 -0.82 -11.44
CA GLN B 258 21.73 -1.24 -12.70
C GLN B 258 23.02 -2.09 -12.56
N LYS B 259 23.91 -1.71 -11.65
CA LYS B 259 25.16 -2.44 -11.40
C LYS B 259 24.93 -3.78 -10.67
N ASN B 260 23.84 -3.83 -9.90
CA ASN B 260 23.41 -5.06 -9.22
C ASN B 260 22.99 -6.11 -10.26
N LEU B 261 22.28 -5.64 -11.29
CA LEU B 261 21.79 -6.53 -12.35
C LEU B 261 22.94 -7.16 -13.16
N ASP B 262 23.99 -6.38 -13.37
CA ASP B 262 25.21 -6.84 -14.07
C ASP B 262 25.79 -8.14 -13.49
N VAL B 263 25.54 -8.41 -12.20
CA VAL B 263 26.09 -9.58 -11.54
C VAL B 263 25.00 -10.50 -10.99
N LEU B 264 23.75 -10.21 -11.33
CA LEU B 264 22.64 -11.09 -10.95
C LEU B 264 22.43 -12.14 -12.04
N ALA B 265 22.57 -13.41 -11.66
CA ALA B 265 22.48 -14.53 -12.63
C ALA B 265 21.10 -14.58 -13.27
N LEU B 266 20.99 -15.29 -14.39
CA LEU B 266 19.71 -15.40 -15.09
C LEU B 266 18.69 -16.01 -14.13
N GLU B 267 17.47 -15.46 -14.17
CA GLU B 267 16.37 -15.87 -13.27
C GLU B 267 16.71 -15.66 -11.78
N GLY B 268 17.60 -14.71 -11.50
CA GLY B 268 17.86 -14.28 -10.13
C GLY B 268 16.71 -13.54 -9.49
N ARG B 269 16.84 -13.30 -8.19
CA ARG B 269 15.77 -12.69 -7.41
C ARG B 269 16.34 -11.46 -6.73
N TYR B 270 15.57 -10.38 -6.80
CA TYR B 270 16.03 -9.06 -6.33
C TYR B 270 15.11 -8.56 -5.22
N ILE B 271 15.61 -8.54 -3.98
CA ILE B 271 14.86 -8.07 -2.83
C ILE B 271 15.25 -6.62 -2.58
N GLU B 272 14.26 -5.73 -2.69
CA GLU B 272 14.48 -4.30 -2.52
C GLU B 272 13.70 -3.75 -1.31
N ILE B 273 14.41 -3.35 -0.25
CA ILE B 273 13.79 -2.74 0.94
C ILE B 273 13.84 -1.20 0.98
N SER B 274 14.53 -0.56 0.03
CA SER B 274 14.64 0.90 0.03
C SER B 274 13.32 1.56 -0.35
N LYS B 275 13.03 2.70 0.26
CA LYS B 275 11.74 3.35 0.05
C LYS B 275 11.82 4.51 -0.93
N ARG B 276 12.89 5.29 -0.86
CA ARG B 276 13.02 6.52 -1.65
C ARG B 276 13.19 6.28 -3.15
N LYS B 277 12.17 6.63 -3.93
CA LYS B 277 12.18 6.56 -5.41
C LYS B 277 12.80 5.27 -5.99
N ILE B 278 12.19 4.14 -5.65
CA ILE B 278 12.56 2.87 -6.28
C ILE B 278 11.71 2.60 -7.52
N TRP B 279 12.09 1.56 -8.25
CA TRP B 279 11.53 1.28 -9.57
C TRP B 279 10.29 0.40 -9.45
N SER B 280 9.37 0.55 -10.42
CA SER B 280 8.22 -0.35 -10.50
C SER B 280 8.67 -1.66 -11.15
N HIS B 281 7.84 -2.69 -11.04
CA HIS B 281 8.12 -3.94 -11.75
C HIS B 281 8.30 -3.74 -13.25
N SER B 282 7.46 -2.90 -13.86
CA SER B 282 7.60 -2.67 -15.30
C SER B 282 8.96 -2.03 -15.67
N GLN B 283 9.45 -1.12 -14.82
CA GLN B 283 10.74 -0.44 -15.09
C GLN B 283 11.90 -1.43 -14.97
N VAL B 284 11.82 -2.30 -13.96
CA VAL B 284 12.80 -3.35 -13.80
C VAL B 284 12.74 -4.33 -14.95
N ALA B 285 11.52 -4.72 -15.35
CA ALA B 285 11.33 -5.71 -16.42
C ALA B 285 11.92 -5.22 -17.74
N GLN B 286 11.93 -3.90 -17.92
CA GLN B 286 12.50 -3.25 -19.10
C GLN B 286 14.02 -3.52 -19.19
N LYS B 287 14.69 -3.59 -18.04
CA LYS B 287 16.14 -3.93 -17.98
C LYS B 287 16.44 -5.43 -17.96
N ARG B 288 15.64 -6.20 -17.24
CA ARG B 288 15.87 -7.63 -17.08
C ARG B 288 14.53 -8.32 -16.95
N SER B 289 14.10 -8.96 -18.05
CA SER B 289 12.79 -9.63 -18.14
C SER B 289 12.73 -10.91 -17.34
N ASP B 290 13.89 -11.49 -17.06
CA ASP B 290 14.02 -12.82 -16.47
C ASP B 290 14.03 -12.82 -14.94
N ILE B 291 14.35 -11.69 -14.31
CA ILE B 291 14.49 -11.70 -12.86
C ILE B 291 13.17 -11.55 -12.11
N LYS B 292 13.17 -11.98 -10.87
CA LYS B 292 12.02 -11.78 -10.03
C LYS B 292 12.34 -10.64 -9.09
N TYR B 293 11.48 -9.63 -9.08
CA TYR B 293 11.75 -8.40 -8.37
C TYR B 293 10.78 -8.31 -7.20
N PHE B 294 11.34 -8.06 -6.02
CA PHE B 294 10.54 -8.10 -4.79
C PHE B 294 10.75 -6.84 -3.95
N PRO B 295 10.15 -5.71 -4.37
CA PRO B 295 10.19 -4.56 -3.50
C PRO B 295 9.17 -4.83 -2.40
N PHE B 296 9.54 -4.62 -1.15
CA PHE B 296 8.54 -4.79 -0.10
C PHE B 296 8.85 -3.95 1.11
N ASP B 297 7.80 -3.71 1.87
CA ASP B 297 7.88 -3.05 3.13
C ASP B 297 7.19 -4.00 4.10
N LEU B 298 7.87 -4.34 5.20
CA LEU B 298 7.35 -5.38 6.07
C LEU B 298 5.94 -5.06 6.61
N LEU B 299 5.73 -3.81 6.99
CA LEU B 299 4.41 -3.34 7.46
C LEU B 299 3.30 -3.45 6.41
N GLU B 300 3.63 -3.20 5.15
CA GLU B 300 2.66 -3.35 4.06
C GLU B 300 2.39 -4.82 3.84
N GLU B 301 3.42 -5.67 3.97
CA GLU B 301 3.18 -7.12 3.90
C GLU B 301 2.24 -7.63 4.99
N PHE B 302 2.37 -7.10 6.21
CA PHE B 302 1.44 -7.43 7.30
C PHE B 302 0.01 -6.91 7.02
N ASN B 303 -0.09 -5.71 6.46
CA ASN B 303 -1.40 -5.17 6.05
C ASN B 303 -2.17 -6.10 5.08
N ARG B 304 -1.44 -6.84 4.27
CA ARG B 304 -2.01 -7.88 3.37
C ARG B 304 -2.30 -9.21 4.07
N ASP B 305 -1.56 -9.52 5.13
CA ASP B 305 -1.73 -10.80 5.86
C ASP B 305 -1.43 -10.61 7.34
N ASN B 306 -2.50 -10.41 8.12
CA ASN B 306 -2.35 -10.07 9.53
C ASN B 306 -1.78 -11.22 10.38
N GLN B 307 -1.58 -12.40 9.77
CA GLN B 307 -0.99 -13.55 10.43
C GLN B 307 0.52 -13.65 10.17
N LEU B 308 1.07 -12.69 9.44
CA LEU B 308 2.47 -12.78 8.96
C LEU B 308 3.50 -12.85 10.10
N TYR B 309 3.35 -12.00 11.12
CA TYR B 309 4.28 -12.01 12.26
C TYR B 309 4.15 -13.30 13.06
N TYR B 310 2.92 -13.73 13.32
CA TYR B 310 2.71 -14.97 14.05
C TYR B 310 3.39 -16.15 13.35
N GLN B 311 3.17 -16.23 12.04
CA GLN B 311 3.70 -17.35 11.26
C GLN B 311 5.24 -17.39 11.19
N ILE B 312 5.86 -16.24 11.01
CA ILE B 312 7.30 -16.17 10.97
C ILE B 312 7.88 -16.52 12.34
N TRP B 313 7.30 -15.92 13.40
CA TRP B 313 7.82 -16.11 14.75
C TRP B 313 7.61 -17.55 15.23
N LYS B 314 6.59 -18.22 14.71
CA LYS B 314 6.40 -19.65 15.02
C LYS B 314 7.70 -20.41 14.78
N LYS B 315 8.34 -20.09 13.67
CA LYS B 315 9.62 -20.68 13.31
C LYS B 315 10.78 -20.00 14.04
N LEU B 316 10.89 -18.68 13.93
CA LEU B 316 12.04 -17.99 14.51
C LEU B 316 12.25 -18.12 16.04
N ILE B 317 11.17 -18.23 16.82
CA ILE B 317 11.32 -18.31 18.27
C ILE B 317 12.16 -19.53 18.65
N GLN B 318 11.91 -20.65 17.96
CA GLN B 318 12.65 -21.89 18.17
C GLN B 318 14.12 -21.65 17.84
N CYS B 319 14.37 -20.97 16.72
CA CYS B 319 15.73 -20.63 16.30
C CYS B 319 16.52 -19.90 17.40
N PHE B 320 15.90 -18.92 18.05
CA PHE B 320 16.60 -18.15 19.09
C PHE B 320 16.73 -18.94 20.39
N GLU B 321 15.70 -19.72 20.71
CA GLU B 321 15.71 -20.52 21.93
C GLU B 321 16.67 -21.69 21.84
N ASN B 322 16.93 -22.19 20.63
CA ASN B 322 17.97 -23.21 20.42
C ASN B 322 19.32 -22.60 20.05
N LYS B 323 19.44 -21.27 20.17
CA LYS B 323 20.68 -20.53 19.88
C LYS B 323 21.27 -20.78 18.47
N GLU B 324 20.40 -21.16 17.54
CA GLU B 324 20.72 -21.19 16.11
C GLU B 324 20.84 -19.76 15.55
N LEU B 325 20.11 -18.81 16.15
CA LEU B 325 20.26 -17.39 15.83
C LEU B 325 20.59 -16.63 17.09
N HIS B 326 21.22 -15.46 16.96
CA HIS B 326 21.69 -14.69 18.09
C HIS B 326 21.17 -13.26 18.00
N PRO B 327 20.88 -12.63 19.15
CA PRO B 327 20.54 -11.21 19.08
C PRO B 327 21.70 -10.42 18.50
N LEU B 328 21.41 -9.20 18.03
CA LEU B 328 22.38 -8.32 17.36
C LEU B 328 23.18 -7.44 18.31
N VAL B 329 24.36 -7.00 17.87
CA VAL B 329 25.16 -6.03 18.60
C VAL B 329 24.31 -4.79 18.83
N TYR B 330 24.34 -4.21 20.03
CA TYR B 330 23.57 -2.99 20.29
C TYR B 330 24.24 -2.06 21.30
N LYS B 331 23.80 -0.81 21.31
CA LYS B 331 24.24 0.18 22.26
C LYS B 331 23.00 0.86 22.82
N THR B 332 22.96 1.10 24.13
CA THR B 332 21.77 1.66 24.74
C THR B 332 21.93 3.13 25.07
N PHE B 333 20.82 3.86 24.99
CA PHE B 333 20.75 5.26 25.43
C PHE B 333 19.47 5.39 26.24
N PRO B 334 19.49 6.20 27.33
CA PRO B 334 18.21 6.49 27.96
C PRO B 334 17.40 7.49 27.15
N ASN B 335 16.10 7.54 27.39
CA ASN B 335 15.22 8.36 26.56
C ASN B 335 15.45 9.89 26.57
N GLU B 336 16.06 10.43 27.62
CA GLU B 336 16.40 11.86 27.61
C GLU B 336 17.55 12.17 26.65
N ASP B 337 18.28 11.12 26.25
CA ASP B 337 19.37 11.22 25.27
C ASP B 337 18.91 10.75 23.88
N ILE B 338 17.63 10.97 23.57
CA ILE B 338 17.07 10.54 22.28
C ILE B 338 17.81 11.16 21.07
N VAL B 339 18.22 12.43 21.16
CA VAL B 339 18.82 13.10 20.01
C VAL B 339 20.14 12.40 19.73
N GLU B 340 20.93 12.20 20.79
CA GLU B 340 22.23 11.53 20.64
C GLU B 340 22.09 10.12 20.09
N ALA B 341 20.98 9.47 20.44
CA ALA B 341 20.68 8.12 19.98
C ALA B 341 20.45 8.09 18.46
N PHE B 342 19.60 9.00 17.97
CA PHE B 342 19.35 9.14 16.53
C PHE B 342 20.66 9.45 15.79
N ARG B 343 21.43 10.39 16.34
CA ARG B 343 22.68 10.83 15.69
C ARG B 343 23.69 9.69 15.60
N TYR B 344 23.78 8.91 16.67
CA TYR B 344 24.67 7.75 16.72
C TYR B 344 24.35 6.74 15.60
N LEU B 345 23.06 6.47 15.40
CA LEU B 345 22.71 5.55 14.34
C LEU B 345 23.02 6.18 12.97
N GLN B 346 22.74 7.47 12.85
CA GLN B 346 22.94 8.14 11.56
C GLN B 346 24.41 8.14 11.12
N ARG B 347 25.29 8.39 12.08
CA ARG B 347 26.72 8.51 11.76
C ARG B 347 27.26 7.12 11.48
N SER B 348 26.66 6.12 12.13
CA SER B 348 26.94 4.70 11.92
C SER B 348 28.43 4.35 11.86
N LYS B 349 29.17 4.81 12.86
CA LYS B 349 30.62 4.59 12.92
C LYS B 349 30.93 3.13 13.29
N HIS B 350 30.04 2.52 14.06
CA HIS B 350 30.28 1.17 14.59
C HIS B 350 29.13 0.26 14.19
N ILE B 351 29.41 -1.04 14.15
CA ILE B 351 28.35 -2.05 14.02
C ILE B 351 27.53 -2.02 15.30
N GLY B 352 26.22 -2.00 15.16
CA GLY B 352 25.38 -2.06 16.31
C GLY B 352 24.06 -1.34 16.10
N ARG B 353 23.02 -1.95 16.66
CA ARG B 353 21.73 -1.29 16.72
C ARG B 353 21.77 -0.29 17.89
N VAL B 354 20.86 0.66 17.85
CA VAL B 354 20.74 1.66 18.90
C VAL B 354 19.40 1.40 19.58
N VAL B 355 19.45 1.08 20.88
CA VAL B 355 18.23 0.80 21.66
C VAL B 355 18.03 1.85 22.75
N VAL B 356 16.86 2.50 22.75
CA VAL B 356 16.53 3.53 23.73
C VAL B 356 15.70 2.94 24.86
N THR B 357 16.13 3.17 26.12
CA THR B 357 15.36 2.70 27.26
C THR B 357 14.39 3.75 27.79
N MET B 358 13.23 3.26 28.22
CA MET B 358 12.20 4.12 28.79
C MET B 358 12.24 4.08 30.33
N PRO B 359 11.83 5.17 31.02
CA PRO B 359 11.88 5.19 32.49
C PRO B 359 10.97 4.13 33.13
C1 GOL C . -1.27 0.97 -0.04
O1 GOL C . -1.03 2.31 -0.45
C2 GOL C . -0.90 -0.04 -1.12
O2 GOL C . -1.17 -1.34 -0.61
C3 GOL C . 0.59 0.03 -1.46
O3 GOL C . 0.75 0.33 -2.85
C1 GOL D . -11.58 5.04 -12.90
O1 GOL D . -12.66 5.19 -13.83
C2 GOL D . -10.87 6.37 -12.74
O2 GOL D . -9.59 6.13 -12.14
C3 GOL D . -11.71 7.28 -11.86
O3 GOL D . -11.34 8.65 -12.07
#